data_5C65
#
_entry.id   5C65
#
_cell.length_a   63.550
_cell.length_b   116.030
_cell.length_c   99.750
_cell.angle_alpha   90.00
_cell.angle_beta   106.91
_cell.angle_gamma   90.00
#
_symmetry.space_group_name_H-M   'P 1 21 1'
#
loop_
_entity.id
_entity.type
_entity.pdbx_description
1 polymer 'Solute carrier family 2, facilitated glucose transporter member 3'
2 non-polymer 'Octyl Glucose Neopentyl Glycol'
3 non-polymer 'CHOLESTEROL HEMISUCCINATE'
4 water water
#
_entity_poly.entity_id   1
_entity_poly.type   'polypeptide(L)'
_entity_poly.pdbx_seq_one_letter_code
;MGTQKVTPALIFAITVATIGSFQFGYNTGVINAPEKIIKEFIQKTLTDKGNAPPSEVLLTSLWSLSVAIFSVGGMIGSFS
VGLFVNRFGRRNSMLIVNLLAVTGGCFMGLCKVAKSVEMLILGRLVIGLFCGLCTGFVPMYIGEISPTALRGAFGTLNQL
GIVVGILVAQIFGLEFILGSEELWPLLLGFTILPAILQSAALPFCPESPRFLLINRKEEENAKQILQRLWGTQDVSQDIQ
EMKDESARMSQEKQVTVLELFRVSSYRQPIIISIVLQLSQQLSGINAVFYYSTGIFKDAGVQEPIYATIGAGVVNTIFTV
VSLFLVERAGRRTLHMIGLGGMAFCSTLMTVSLLLKDNYNGMSFVCIGAILVFVAFFEIGPGPIPWFIVAELFSQGPRPA
AMAVAGCSNWTSNFLVGLLFPSAAHYLGAYVFIIFTGFLITFLAFTFFKVPETRGRTFEDITRAFEGQAHGADRAENLYF
Q
;
_entity_poly.pdbx_strand_id   A,B
#
# COMPACT_ATOMS: atom_id res chain seq x y z
N LYS A 5 -23.15 22.23 -9.97
CA LYS A 5 -23.66 20.86 -9.85
C LYS A 5 -22.69 19.92 -9.11
N VAL A 6 -23.27 18.93 -8.39
CA VAL A 6 -22.57 17.89 -7.65
C VAL A 6 -22.65 16.60 -8.48
N THR A 7 -21.57 16.25 -9.17
CA THR A 7 -21.51 15.07 -10.02
C THR A 7 -21.05 13.84 -9.22
N PRO A 8 -21.28 12.58 -9.70
CA PRO A 8 -20.73 11.41 -8.96
C PRO A 8 -19.20 11.44 -8.88
N ALA A 9 -18.54 12.20 -9.80
CA ALA A 9 -17.10 12.40 -9.88
C ALA A 9 -16.58 13.16 -8.67
N LEU A 10 -17.28 14.25 -8.30
CA LEU A 10 -16.96 15.09 -7.14
C LEU A 10 -17.20 14.31 -5.84
N ILE A 11 -18.37 13.62 -5.71
CA ILE A 11 -18.74 12.80 -4.53
C ILE A 11 -17.66 11.72 -4.31
N PHE A 12 -17.26 11.01 -5.39
CA PHE A 12 -16.23 9.97 -5.32
C PHE A 12 -14.89 10.53 -4.82
N ALA A 13 -14.43 11.64 -5.44
CA ALA A 13 -13.18 12.32 -5.11
C ALA A 13 -13.11 12.73 -3.63
N ILE A 14 -14.20 13.32 -3.10
CA ILE A 14 -14.29 13.79 -1.71
C ILE A 14 -14.39 12.58 -0.75
N THR A 15 -15.20 11.54 -1.10
CA THR A 15 -15.36 10.32 -0.29
C THR A 15 -14.00 9.60 -0.10
N VAL A 16 -13.23 9.43 -1.20
CA VAL A 16 -11.92 8.77 -1.18
C VAL A 16 -10.97 9.58 -0.30
N ALA A 17 -11.01 10.93 -0.41
CA ALA A 17 -10.19 11.84 0.40
C ALA A 17 -10.50 11.69 1.89
N THR A 18 -11.81 11.65 2.26
CA THR A 18 -12.30 11.54 3.65
C THR A 18 -11.95 10.18 4.32
N ILE A 19 -11.31 9.24 3.58
CA ILE A 19 -10.85 7.98 4.19
C ILE A 19 -9.75 8.34 5.22
N GLY A 20 -8.98 9.40 4.94
CA GLY A 20 -7.97 9.94 5.83
C GLY A 20 -8.58 10.51 7.09
N SER A 21 -9.80 11.11 6.97
CA SER A 21 -10.54 11.64 8.14
C SER A 21 -10.94 10.48 9.06
N PHE A 22 -11.50 9.40 8.47
CA PHE A 22 -11.90 8.17 9.12
C PHE A 22 -10.70 7.54 9.85
N GLN A 23 -9.52 7.55 9.18
CA GLN A 23 -8.26 7.02 9.71
C GLN A 23 -7.85 7.75 10.97
N PHE A 24 -7.96 9.10 10.94
CA PHE A 24 -7.64 9.96 12.08
C PHE A 24 -8.59 9.64 13.24
N GLY A 25 -9.90 9.55 12.96
CA GLY A 25 -10.92 9.24 13.94
C GLY A 25 -10.79 7.85 14.55
N TYR A 26 -10.51 6.83 13.70
CA TYR A 26 -10.32 5.44 14.11
C TYR A 26 -9.10 5.29 15.01
N ASN A 27 -7.94 5.82 14.59
CA ASN A 27 -6.70 5.72 15.34
C ASN A 27 -6.75 6.52 16.66
N THR A 28 -7.52 7.61 16.71
CA THR A 28 -7.73 8.40 17.93
C THR A 28 -8.51 7.57 18.96
N GLY A 29 -9.68 7.06 18.56
CA GLY A 29 -10.60 6.33 19.43
C GLY A 29 -10.42 4.84 19.63
N VAL A 30 -9.49 4.20 18.90
CA VAL A 30 -9.28 2.74 18.97
C VAL A 30 -8.61 2.28 20.29
N ILE A 31 -7.61 3.04 20.77
CA ILE A 31 -6.71 2.69 21.86
C ILE A 31 -7.36 2.59 23.27
N ASN A 32 -8.56 3.16 23.49
CA ASN A 32 -9.15 3.17 24.82
C ASN A 32 -9.72 1.82 25.28
N ALA A 33 -10.57 1.15 24.45
CA ALA A 33 -11.17 -0.14 24.79
C ALA A 33 -10.12 -1.27 25.10
N PRO A 34 -9.01 -1.47 24.35
CA PRO A 34 -8.11 -2.59 24.68
C PRO A 34 -7.04 -2.26 25.75
N GLU A 35 -7.22 -1.19 26.55
CA GLU A 35 -6.27 -0.78 27.59
C GLU A 35 -5.81 -1.94 28.52
N LYS A 36 -6.76 -2.61 29.20
CA LYS A 36 -6.46 -3.71 30.14
C LYS A 36 -5.74 -4.85 29.43
N ILE A 37 -6.22 -5.23 28.24
CA ILE A 37 -5.68 -6.33 27.43
C ILE A 37 -4.26 -6.02 26.92
N ILE A 38 -3.99 -4.76 26.48
CA ILE A 38 -2.67 -4.35 26.00
C ILE A 38 -1.69 -4.22 27.18
N LYS A 39 -2.14 -3.69 28.34
CA LYS A 39 -1.30 -3.58 29.54
C LYS A 39 -0.82 -4.97 29.98
N GLU A 40 -1.72 -5.98 29.90
CA GLU A 40 -1.43 -7.37 30.21
C GLU A 40 -0.33 -7.89 29.28
N PHE A 41 -0.41 -7.54 27.98
CA PHE A 41 0.55 -7.93 26.95
C PHE A 41 1.94 -7.32 27.24
N ILE A 42 2.00 -5.99 27.51
CA ILE A 42 3.25 -5.27 27.83
C ILE A 42 3.95 -5.94 29.01
N GLN A 43 3.17 -6.26 30.07
CA GLN A 43 3.64 -6.94 31.29
C GLN A 43 4.17 -8.36 31.01
N LYS A 44 3.44 -9.17 30.20
CA LYS A 44 3.82 -10.52 29.85
C LYS A 44 5.11 -10.52 29.00
N THR A 45 5.19 -9.64 27.99
CA THR A 45 6.34 -9.51 27.09
C THR A 45 7.60 -9.15 27.87
N LEU A 46 7.50 -8.14 28.77
CA LEU A 46 8.62 -7.64 29.56
C LEU A 46 9.08 -8.65 30.62
N THR A 47 8.13 -9.36 31.29
CA THR A 47 8.45 -10.35 32.31
C THR A 47 9.15 -11.56 31.67
N ASP A 48 8.62 -12.08 30.55
CA ASP A 48 9.14 -13.25 29.83
C ASP A 48 10.55 -13.05 29.24
N LYS A 49 11.09 -11.82 29.24
CA LYS A 49 12.43 -11.51 28.72
C LYS A 49 13.55 -12.22 29.56
N GLY A 50 13.35 -12.40 30.87
CA GLY A 50 14.30 -13.08 31.74
C GLY A 50 14.91 -12.24 32.84
N ASN A 51 14.77 -10.91 32.74
CA ASN A 51 15.28 -9.98 33.76
C ASN A 51 14.26 -9.82 34.87
N ALA A 52 14.45 -8.78 35.70
CA ALA A 52 13.56 -8.44 36.82
C ALA A 52 12.18 -8.03 36.27
N PRO A 53 11.06 -8.40 36.94
CA PRO A 53 9.74 -8.03 36.40
C PRO A 53 9.52 -6.52 36.36
N PRO A 54 8.74 -5.97 35.39
CA PRO A 54 8.54 -4.52 35.32
C PRO A 54 7.72 -4.00 36.50
N SER A 55 8.01 -2.76 36.93
CA SER A 55 7.29 -2.10 38.02
C SER A 55 5.98 -1.56 37.49
N GLU A 56 5.03 -1.26 38.38
CA GLU A 56 3.73 -0.69 37.98
C GLU A 56 3.88 0.68 37.33
N VAL A 57 4.89 1.45 37.78
CA VAL A 57 5.25 2.79 37.28
C VAL A 57 5.72 2.64 35.83
N LEU A 58 6.60 1.65 35.54
CA LEU A 58 7.09 1.43 34.19
C LEU A 58 5.95 1.01 33.26
N LEU A 59 5.10 0.07 33.71
CA LEU A 59 3.96 -0.45 32.95
C LEU A 59 2.95 0.64 32.60
N THR A 60 2.65 1.54 33.56
CA THR A 60 1.72 2.67 33.31
C THR A 60 2.38 3.68 32.35
N SER A 61 3.71 3.91 32.51
CA SER A 61 4.50 4.81 31.67
C SER A 61 4.50 4.33 30.22
N LEU A 62 4.69 3.00 30.00
CA LEU A 62 4.68 2.42 28.65
C LEU A 62 3.29 2.49 28.02
N TRP A 63 2.22 2.31 28.83
CA TRP A 63 0.86 2.47 28.34
C TRP A 63 0.61 3.95 27.94
N SER A 64 1.00 4.89 28.80
CA SER A 64 0.87 6.34 28.56
C SER A 64 1.65 6.73 27.32
N LEU A 65 2.85 6.14 27.13
CA LEU A 65 3.72 6.37 25.97
C LEU A 65 3.05 5.82 24.72
N SER A 66 2.40 4.64 24.79
CA SER A 66 1.68 4.03 23.66
C SER A 66 0.53 4.92 23.18
N VAL A 67 -0.14 5.61 24.10
CA VAL A 67 -1.26 6.51 23.81
C VAL A 67 -0.72 7.86 23.30
N ALA A 68 0.13 8.54 24.10
CA ALA A 68 0.70 9.87 23.83
C ALA A 68 1.55 9.96 22.56
N ILE A 69 2.34 8.91 22.21
CA ILE A 69 3.23 8.92 21.05
C ILE A 69 2.44 9.20 19.74
N PHE A 70 1.15 8.81 19.67
CA PHE A 70 0.28 9.07 18.52
C PHE A 70 0.13 10.60 18.36
N SER A 71 -0.11 11.35 19.46
CA SER A 71 -0.19 12.81 19.44
C SER A 71 1.14 13.44 19.01
N VAL A 72 2.30 12.88 19.44
CA VAL A 72 3.62 13.38 19.07
C VAL A 72 3.81 13.22 17.55
N GLY A 73 3.50 12.03 17.03
CA GLY A 73 3.55 11.77 15.61
C GLY A 73 2.65 12.71 14.83
N GLY A 74 1.42 12.93 15.33
CA GLY A 74 0.44 13.81 14.72
C GLY A 74 0.89 15.26 14.68
N MET A 75 1.56 15.73 15.76
CA MET A 75 2.13 17.07 15.87
C MET A 75 3.17 17.27 14.79
N ILE A 76 4.11 16.31 14.64
CA ILE A 76 5.19 16.32 13.64
C ILE A 76 4.58 16.23 12.24
N GLY A 77 3.63 15.29 12.07
CA GLY A 77 2.94 15.02 10.81
C GLY A 77 2.17 16.21 10.26
N SER A 78 1.24 16.76 11.06
CA SER A 78 0.42 17.92 10.70
C SER A 78 1.29 19.15 10.38
N PHE A 79 2.39 19.34 11.11
CA PHE A 79 3.30 20.46 10.89
C PHE A 79 4.14 20.24 9.63
N SER A 80 4.23 18.99 9.12
CA SER A 80 5.08 18.63 7.98
C SER A 80 4.36 18.60 6.63
N VAL A 81 3.03 18.86 6.57
CA VAL A 81 2.22 18.80 5.33
C VAL A 81 2.83 19.62 4.16
N GLY A 82 3.53 20.70 4.49
CA GLY A 82 4.18 21.59 3.53
C GLY A 82 5.36 20.98 2.81
N LEU A 83 5.93 19.86 3.33
CA LEU A 83 7.03 19.13 2.69
C LEU A 83 6.51 18.18 1.60
N PHE A 84 5.18 18.06 1.44
CA PHE A 84 4.53 17.15 0.50
C PHE A 84 3.67 17.83 -0.54
N VAL A 85 2.61 18.55 -0.09
CA VAL A 85 1.53 19.12 -0.90
C VAL A 85 2.02 19.91 -2.11
N ASN A 86 3.06 20.76 -1.98
CA ASN A 86 3.51 21.55 -3.12
C ASN A 86 4.48 20.76 -4.00
N ARG A 87 5.24 19.85 -3.39
CA ARG A 87 6.24 19.03 -4.05
C ARG A 87 5.60 17.93 -4.92
N PHE A 88 4.54 17.26 -4.39
CA PHE A 88 3.89 16.12 -5.05
C PHE A 88 2.49 16.40 -5.54
N GLY A 89 1.78 17.32 -4.90
CA GLY A 89 0.39 17.63 -5.20
C GLY A 89 -0.46 17.20 -4.03
N ARG A 90 -1.73 17.58 -3.99
CA ARG A 90 -2.57 17.21 -2.86
C ARG A 90 -2.98 15.74 -2.94
N ARG A 91 -3.47 15.29 -4.10
CA ARG A 91 -3.90 13.93 -4.39
C ARG A 91 -2.73 12.94 -4.22
N ASN A 92 -1.57 13.24 -4.83
CA ASN A 92 -0.38 12.36 -4.78
C ASN A 92 0.23 12.23 -3.39
N SER A 93 0.14 13.30 -2.56
CA SER A 93 0.63 13.29 -1.17
C SER A 93 -0.17 12.29 -0.34
N MET A 94 -1.51 12.28 -0.50
CA MET A 94 -2.45 11.37 0.16
C MET A 94 -2.10 9.91 -0.15
N LEU A 95 -1.71 9.65 -1.42
CA LEU A 95 -1.28 8.34 -1.90
C LEU A 95 0.05 7.91 -1.25
N ILE A 96 1.08 8.78 -1.31
CA ILE A 96 2.42 8.57 -0.77
C ILE A 96 2.37 8.23 0.74
N VAL A 97 1.59 8.98 1.54
CA VAL A 97 1.53 8.76 3.00
C VAL A 97 0.81 7.45 3.38
N ASN A 98 0.12 6.75 2.44
CA ASN A 98 -0.48 5.45 2.78
C ASN A 98 0.63 4.44 3.09
N LEU A 99 1.88 4.73 2.67
CA LEU A 99 3.06 3.93 3.02
C LEU A 99 3.32 4.00 4.56
N LEU A 100 2.98 5.14 5.20
CA LEU A 100 3.10 5.30 6.65
C LEU A 100 1.96 4.54 7.36
N ALA A 101 0.74 4.55 6.78
CA ALA A 101 -0.43 3.85 7.33
C ALA A 101 -0.22 2.33 7.35
N VAL A 102 0.40 1.80 6.29
CA VAL A 102 0.66 0.38 6.08
C VAL A 102 1.80 -0.09 7.00
N THR A 103 2.87 0.72 7.17
CA THR A 103 4.01 0.42 8.05
C THR A 103 3.57 0.52 9.53
N GLY A 104 2.76 1.55 9.84
CA GLY A 104 2.21 1.80 11.17
C GLY A 104 1.30 0.65 11.59
N GLY A 105 0.35 0.31 10.70
CA GLY A 105 -0.62 -0.77 10.90
C GLY A 105 0.00 -2.15 11.00
N CYS A 106 1.10 -2.36 10.28
CA CYS A 106 1.82 -3.64 10.33
C CYS A 106 2.55 -3.76 11.67
N PHE A 107 3.20 -2.69 12.14
CA PHE A 107 3.92 -2.68 13.43
C PHE A 107 2.99 -3.02 14.60
N MET A 108 1.80 -2.41 14.64
CA MET A 108 0.79 -2.61 15.68
C MET A 108 0.12 -3.96 15.53
N GLY A 109 -0.13 -4.38 14.29
CA GLY A 109 -0.76 -5.64 13.98
C GLY A 109 0.14 -6.83 14.24
N LEU A 110 1.48 -6.66 14.13
CA LEU A 110 2.43 -7.75 14.34
C LEU A 110 3.21 -7.70 15.66
N CYS A 111 3.02 -6.65 16.50
CA CYS A 111 3.73 -6.49 17.78
C CYS A 111 3.52 -7.70 18.74
N LYS A 112 2.34 -8.33 18.71
CA LYS A 112 2.04 -9.49 19.56
C LYS A 112 2.80 -10.74 19.09
N VAL A 113 2.77 -11.03 17.76
CA VAL A 113 3.46 -12.16 17.12
C VAL A 113 4.97 -12.00 17.35
N ALA A 114 5.49 -10.80 17.14
CA ALA A 114 6.90 -10.46 17.32
C ALA A 114 7.29 -10.37 18.81
N LYS A 115 6.29 -10.41 19.73
CA LYS A 115 6.46 -10.27 21.17
C LYS A 115 7.34 -9.02 21.40
N SER A 116 6.84 -7.87 20.92
CA SER A 116 7.58 -6.61 20.93
C SER A 116 6.71 -5.43 21.29
N VAL A 117 7.05 -4.75 22.40
CA VAL A 117 6.38 -3.55 22.90
C VAL A 117 6.92 -2.36 22.08
N GLU A 118 8.19 -2.47 21.59
CA GLU A 118 8.87 -1.49 20.75
C GLU A 118 8.10 -1.27 19.45
N MET A 119 7.58 -2.37 18.85
CA MET A 119 6.79 -2.32 17.62
C MET A 119 5.45 -1.62 17.84
N LEU A 120 4.83 -1.82 19.02
CA LEU A 120 3.56 -1.18 19.38
C LEU A 120 3.75 0.35 19.49
N ILE A 121 4.79 0.78 20.21
CA ILE A 121 5.10 2.18 20.43
C ILE A 121 5.50 2.84 19.09
N LEU A 122 6.36 2.18 18.29
CA LEU A 122 6.74 2.70 16.97
C LEU A 122 5.52 2.76 16.03
N GLY A 123 4.67 1.74 16.07
CA GLY A 123 3.45 1.65 15.30
C GLY A 123 2.51 2.82 15.55
N ARG A 124 2.33 3.18 16.83
CA ARG A 124 1.49 4.32 17.23
C ARG A 124 2.15 5.65 16.81
N LEU A 125 3.49 5.74 16.81
CA LEU A 125 4.22 6.91 16.34
C LEU A 125 4.00 7.12 14.84
N VAL A 126 4.25 6.07 14.04
CA VAL A 126 4.15 6.10 12.57
C VAL A 126 2.69 6.37 12.13
N ILE A 127 1.68 5.81 12.84
CA ILE A 127 0.27 6.04 12.53
C ILE A 127 -0.10 7.47 12.94
N GLY A 128 0.62 8.00 13.94
CA GLY A 128 0.50 9.39 14.36
C GLY A 128 0.97 10.31 13.26
N LEU A 129 2.16 10.01 12.69
CA LEU A 129 2.75 10.77 11.58
C LEU A 129 1.81 10.83 10.40
N PHE A 130 1.17 9.68 10.09
CA PHE A 130 0.22 9.49 9.00
C PHE A 130 -1.06 10.30 9.22
N CYS A 131 -1.70 10.15 10.40
CA CYS A 131 -2.92 10.87 10.76
C CYS A 131 -2.70 12.37 10.80
N GLY A 132 -1.53 12.80 11.28
CA GLY A 132 -1.14 14.21 11.31
C GLY A 132 -1.11 14.79 9.92
N LEU A 133 -0.44 14.10 8.97
CA LEU A 133 -0.36 14.52 7.55
C LEU A 133 -1.76 14.55 6.92
N CYS A 134 -2.61 13.56 7.25
CA CYS A 134 -4.00 13.48 6.79
C CYS A 134 -4.82 14.68 7.21
N THR A 135 -4.77 15.06 8.50
CA THR A 135 -5.57 16.16 9.08
C THR A 135 -5.36 17.47 8.34
N GLY A 136 -4.26 17.60 7.60
CA GLY A 136 -3.94 18.77 6.78
C GLY A 136 -4.16 18.54 5.30
N PHE A 137 -3.91 17.32 4.81
CA PHE A 137 -4.11 16.97 3.39
C PHE A 137 -5.57 17.00 2.97
N VAL A 138 -6.44 16.31 3.74
CA VAL A 138 -7.86 16.14 3.45
C VAL A 138 -8.57 17.52 3.34
N PRO A 139 -8.57 18.42 4.37
CA PRO A 139 -9.27 19.72 4.21
C PRO A 139 -8.71 20.60 3.08
N MET A 140 -7.39 20.47 2.79
CA MET A 140 -6.71 21.21 1.72
C MET A 140 -7.24 20.77 0.37
N TYR A 141 -7.31 19.45 0.13
CA TYR A 141 -7.84 18.85 -1.10
C TYR A 141 -9.32 19.17 -1.26
N ILE A 142 -10.15 18.96 -0.21
CA ILE A 142 -11.60 19.24 -0.22
C ILE A 142 -11.83 20.73 -0.49
N GLY A 143 -11.08 21.59 0.20
CA GLY A 143 -11.16 23.04 0.06
C GLY A 143 -10.83 23.54 -1.34
N GLU A 144 -9.99 22.81 -2.08
CA GLU A 144 -9.58 23.22 -3.42
C GLU A 144 -10.39 22.55 -4.55
N ILE A 145 -11.03 21.40 -4.33
CA ILE A 145 -11.81 20.78 -5.40
C ILE A 145 -13.31 21.14 -5.30
N SER A 146 -13.76 21.63 -4.14
CA SER A 146 -15.17 21.96 -3.91
C SER A 146 -15.63 23.23 -4.61
N PRO A 147 -16.87 23.22 -5.19
CA PRO A 147 -17.44 24.48 -5.71
C PRO A 147 -17.61 25.47 -4.56
N THR A 148 -17.16 26.73 -4.75
CA THR A 148 -17.15 27.82 -3.75
C THR A 148 -18.47 27.93 -2.93
N ALA A 149 -19.63 27.68 -3.57
CA ALA A 149 -20.96 27.74 -2.96
C ALA A 149 -21.29 26.53 -2.04
N LEU A 150 -20.39 25.50 -1.97
CA LEU A 150 -20.58 24.29 -1.15
C LEU A 150 -19.30 23.88 -0.41
N ARG A 151 -18.29 24.75 -0.42
CA ARG A 151 -16.96 24.56 0.20
C ARG A 151 -17.04 24.16 1.70
N GLY A 152 -18.00 24.75 2.42
CA GLY A 152 -18.25 24.44 3.83
C GLY A 152 -18.98 23.13 4.04
N ALA A 153 -20.00 22.86 3.20
CA ALA A 153 -20.80 21.63 3.27
C ALA A 153 -19.90 20.41 3.06
N PHE A 154 -19.04 20.44 2.02
CA PHE A 154 -18.08 19.37 1.74
C PHE A 154 -16.97 19.36 2.79
N GLY A 155 -16.66 20.54 3.33
CA GLY A 155 -15.66 20.70 4.37
C GLY A 155 -16.03 19.96 5.64
N THR A 156 -17.34 19.95 5.96
CA THR A 156 -17.94 19.28 7.14
C THR A 156 -17.77 17.75 7.03
N LEU A 157 -17.59 17.23 5.79
CA LEU A 157 -17.41 15.79 5.57
C LEU A 157 -16.11 15.29 6.21
N ASN A 158 -15.13 16.19 6.46
CA ASN A 158 -13.89 15.85 7.15
C ASN A 158 -14.27 15.47 8.58
N GLN A 159 -15.04 16.32 9.28
CA GLN A 159 -15.49 16.03 10.65
C GLN A 159 -16.44 14.82 10.69
N LEU A 160 -17.30 14.62 9.67
CA LEU A 160 -18.20 13.47 9.59
C LEU A 160 -17.37 12.19 9.53
N GLY A 161 -16.31 12.20 8.70
CA GLY A 161 -15.36 11.10 8.57
C GLY A 161 -14.71 10.75 9.89
N ILE A 162 -14.20 11.78 10.62
CA ILE A 162 -13.52 11.66 11.93
C ILE A 162 -14.48 11.00 12.97
N VAL A 163 -15.68 11.57 13.12
CA VAL A 163 -16.75 11.14 14.04
C VAL A 163 -17.15 9.67 13.79
N VAL A 164 -17.29 9.27 12.51
CA VAL A 164 -17.63 7.91 12.09
C VAL A 164 -16.44 6.98 12.45
N GLY A 165 -15.21 7.48 12.26
CA GLY A 165 -13.97 6.78 12.58
C GLY A 165 -13.87 6.38 14.05
N ILE A 166 -14.18 7.34 14.96
CA ILE A 166 -14.19 7.11 16.40
C ILE A 166 -15.25 6.04 16.73
N LEU A 167 -16.48 6.20 16.20
CA LEU A 167 -17.62 5.34 16.42
C LEU A 167 -17.29 3.88 16.06
N VAL A 168 -16.78 3.64 14.83
CA VAL A 168 -16.38 2.31 14.35
C VAL A 168 -15.30 1.74 15.31
N ALA A 169 -14.27 2.54 15.67
CA ALA A 169 -13.20 2.15 16.61
C ALA A 169 -13.77 1.69 17.97
N GLN A 170 -14.82 2.36 18.44
CA GLN A 170 -15.49 2.05 19.70
C GLN A 170 -16.32 0.77 19.59
N ILE A 171 -16.98 0.57 18.42
CA ILE A 171 -17.80 -0.62 18.14
C ILE A 171 -16.86 -1.83 18.01
N PHE A 172 -15.80 -1.71 17.18
CA PHE A 172 -14.81 -2.76 16.95
C PHE A 172 -14.07 -3.18 18.25
N GLY A 173 -13.89 -2.24 19.18
CA GLY A 173 -13.21 -2.46 20.45
C GLY A 173 -13.98 -3.31 21.46
N LEU A 174 -15.22 -3.68 21.11
CA LEU A 174 -16.08 -4.54 21.94
C LEU A 174 -15.52 -5.97 21.92
N GLU A 175 -15.56 -6.63 23.11
CA GLU A 175 -15.06 -7.99 23.35
C GLU A 175 -15.49 -8.99 22.27
N PHE A 176 -16.79 -8.98 21.89
CA PHE A 176 -17.40 -9.87 20.89
C PHE A 176 -17.08 -9.48 19.42
N ILE A 177 -16.29 -8.41 19.21
CA ILE A 177 -15.91 -7.99 17.86
C ILE A 177 -14.38 -8.17 17.73
N LEU A 178 -13.54 -7.15 18.06
CA LEU A 178 -12.09 -7.29 17.97
C LEU A 178 -11.36 -6.94 19.30
N GLY A 179 -12.11 -6.53 20.32
CA GLY A 179 -11.54 -6.16 21.61
C GLY A 179 -11.12 -7.30 22.50
N SER A 180 -10.88 -8.48 21.92
CA SER A 180 -10.50 -9.73 22.58
C SER A 180 -9.00 -9.82 22.86
N GLU A 181 -8.61 -10.79 23.70
CA GLU A 181 -7.20 -11.09 24.03
C GLU A 181 -6.46 -11.60 22.78
N GLU A 182 -7.19 -12.28 21.87
CA GLU A 182 -6.65 -12.87 20.64
C GLU A 182 -6.76 -11.96 19.41
N LEU A 183 -7.78 -11.08 19.34
CA LEU A 183 -8.05 -10.24 18.17
C LEU A 183 -7.66 -8.75 18.29
N TRP A 184 -7.16 -8.27 19.45
CA TRP A 184 -6.75 -6.86 19.60
C TRP A 184 -5.65 -6.45 18.58
N PRO A 185 -4.67 -7.31 18.14
CA PRO A 185 -3.72 -6.85 17.10
C PRO A 185 -4.44 -6.47 15.79
N LEU A 186 -5.55 -7.18 15.46
CA LEU A 186 -6.37 -6.89 14.28
C LEU A 186 -7.11 -5.56 14.45
N LEU A 187 -7.53 -5.25 15.71
CA LEU A 187 -8.24 -4.03 16.08
C LEU A 187 -7.35 -2.81 15.75
N LEU A 188 -6.07 -2.87 16.13
CA LEU A 188 -5.08 -1.82 15.84
C LEU A 188 -4.63 -1.87 14.37
N GLY A 189 -4.47 -3.08 13.83
CA GLY A 189 -4.05 -3.31 12.45
C GLY A 189 -5.09 -2.99 11.40
N PHE A 190 -6.37 -2.77 11.82
CA PHE A 190 -7.50 -2.47 10.95
C PHE A 190 -7.23 -1.26 10.02
N THR A 191 -6.47 -0.28 10.51
CA THR A 191 -6.08 0.93 9.78
C THR A 191 -5.46 0.61 8.37
N ILE A 192 -4.92 -0.62 8.17
CA ILE A 192 -4.36 -1.09 6.90
C ILE A 192 -5.47 -1.19 5.82
N LEU A 193 -6.67 -1.72 6.18
CA LEU A 193 -7.79 -1.91 5.24
C LEU A 193 -8.29 -0.59 4.59
N PRO A 194 -8.66 0.50 5.31
CA PRO A 194 -9.05 1.74 4.61
C PRO A 194 -7.89 2.30 3.77
N ALA A 195 -6.63 2.09 4.21
CA ALA A 195 -5.43 2.54 3.49
C ALA A 195 -5.26 1.80 2.13
N ILE A 196 -5.57 0.48 2.07
CA ILE A 196 -5.45 -0.26 0.81
C ILE A 196 -6.59 0.14 -0.13
N LEU A 197 -7.80 0.43 0.40
CA LEU A 197 -8.94 0.89 -0.40
C LEU A 197 -8.70 2.30 -0.94
N GLN A 198 -8.13 3.18 -0.10
CA GLN A 198 -7.82 4.55 -0.53
C GLN A 198 -6.75 4.56 -1.62
N SER A 199 -5.68 3.74 -1.46
CA SER A 199 -4.59 3.62 -2.42
C SER A 199 -5.08 3.16 -3.78
N ALA A 200 -5.97 2.17 -3.80
CA ALA A 200 -6.52 1.65 -5.04
C ALA A 200 -7.47 2.66 -5.74
N ALA A 201 -8.13 3.53 -4.94
CA ALA A 201 -9.10 4.50 -5.41
C ALA A 201 -8.49 5.84 -5.82
N LEU A 202 -7.45 6.33 -5.10
CA LEU A 202 -6.79 7.62 -5.34
C LEU A 202 -6.33 7.85 -6.80
N PRO A 203 -5.68 6.89 -7.52
CA PRO A 203 -5.30 7.18 -8.94
C PRO A 203 -6.49 7.47 -9.87
N PHE A 204 -7.72 7.19 -9.42
CA PHE A 204 -8.94 7.42 -10.20
C PHE A 204 -9.57 8.78 -9.85
N CYS A 205 -9.08 9.43 -8.78
CA CYS A 205 -9.49 10.76 -8.30
C CYS A 205 -8.67 11.82 -9.02
N PRO A 206 -9.22 13.03 -9.26
CA PRO A 206 -8.40 14.04 -9.93
C PRO A 206 -7.45 14.74 -8.97
N GLU A 207 -6.38 15.32 -9.53
CA GLU A 207 -5.49 16.17 -8.76
C GLU A 207 -6.25 17.51 -8.64
N SER A 208 -5.98 18.30 -7.60
CA SER A 208 -6.65 19.58 -7.39
C SER A 208 -6.48 20.49 -8.66
N PRO A 209 -7.58 20.91 -9.33
CA PRO A 209 -7.41 21.80 -10.50
C PRO A 209 -6.80 23.15 -10.11
N ARG A 210 -6.95 23.58 -8.83
CA ARG A 210 -6.31 24.80 -8.32
C ARG A 210 -4.80 24.61 -8.33
N PHE A 211 -4.34 23.43 -7.87
CA PHE A 211 -2.93 23.04 -7.84
C PHE A 211 -2.34 22.97 -9.25
N LEU A 212 -3.06 22.29 -10.17
CA LEU A 212 -2.62 22.11 -11.56
C LEU A 212 -2.48 23.43 -12.31
N LEU A 213 -3.40 24.39 -12.09
CA LEU A 213 -3.35 25.69 -12.78
C LEU A 213 -2.36 26.65 -12.09
N ILE A 214 -2.47 26.80 -10.76
CA ILE A 214 -1.66 27.77 -10.00
C ILE A 214 -0.22 27.25 -9.79
N ASN A 215 -0.03 26.08 -9.18
CA ASN A 215 1.31 25.57 -8.89
C ASN A 215 2.02 24.91 -10.06
N ARG A 216 1.28 24.21 -10.96
CA ARG A 216 1.92 23.47 -12.04
C ARG A 216 1.75 24.10 -13.43
N LYS A 217 0.99 25.21 -13.54
CA LYS A 217 0.73 25.99 -14.76
C LYS A 217 0.19 25.11 -15.93
N GLU A 218 -0.82 24.29 -15.61
CA GLU A 218 -1.52 23.38 -16.52
C GLU A 218 -2.99 23.80 -16.60
N GLU A 219 -3.24 24.86 -17.37
CA GLU A 219 -4.55 25.49 -17.58
C GLU A 219 -5.59 24.54 -18.21
N GLU A 220 -5.25 23.84 -19.31
CA GLU A 220 -6.17 22.93 -20.00
C GLU A 220 -6.49 21.70 -19.14
N ASN A 221 -5.46 21.07 -18.54
CA ASN A 221 -5.61 19.91 -17.65
C ASN A 221 -6.56 20.24 -16.48
N ALA A 222 -6.45 21.47 -15.95
CA ALA A 222 -7.31 21.96 -14.86
C ALA A 222 -8.75 22.16 -15.35
N LYS A 223 -8.92 22.74 -16.55
CA LYS A 223 -10.22 23.02 -17.18
C LYS A 223 -11.04 21.73 -17.40
N GLN A 224 -10.39 20.67 -17.93
CA GLN A 224 -11.00 19.37 -18.20
C GLN A 224 -11.50 18.71 -16.90
N ILE A 225 -10.71 18.80 -15.80
CA ILE A 225 -11.04 18.25 -14.48
C ILE A 225 -12.28 18.97 -13.93
N LEU A 226 -12.26 20.31 -13.99
CA LEU A 226 -13.30 21.22 -13.53
C LEU A 226 -14.62 20.97 -14.29
N GLN A 227 -14.52 20.72 -15.61
CA GLN A 227 -15.65 20.38 -16.46
C GLN A 227 -16.28 19.06 -16.02
N ARG A 228 -15.45 18.04 -15.71
CA ARG A 228 -15.88 16.71 -15.28
C ARG A 228 -16.53 16.75 -13.89
N LEU A 229 -15.80 17.27 -12.88
CA LEU A 229 -16.21 17.39 -11.48
C LEU A 229 -17.48 18.22 -11.28
N TRP A 230 -17.66 19.27 -12.08
CA TRP A 230 -18.83 20.12 -11.89
C TRP A 230 -19.87 19.89 -12.98
N GLY A 231 -19.55 19.01 -13.92
CA GLY A 231 -20.43 18.61 -15.01
C GLY A 231 -21.03 19.73 -15.83
N THR A 232 -20.21 20.76 -16.17
CA THR A 232 -20.65 21.92 -16.95
C THR A 232 -19.57 22.37 -17.95
N GLN A 233 -19.85 23.48 -18.65
CA GLN A 233 -18.96 24.19 -19.56
C GLN A 233 -18.59 25.55 -18.92
N ASP A 234 -19.48 26.06 -18.03
CA ASP A 234 -19.35 27.32 -17.28
C ASP A 234 -18.30 27.18 -16.16
N VAL A 235 -17.04 26.91 -16.55
CA VAL A 235 -15.91 26.80 -15.63
C VAL A 235 -14.94 27.97 -15.90
N SER A 236 -15.25 28.77 -16.94
CA SER A 236 -14.53 29.96 -17.39
C SER A 236 -14.38 31.02 -16.29
N GLN A 237 -15.41 31.17 -15.43
CA GLN A 237 -15.40 32.11 -14.31
C GLN A 237 -14.43 31.66 -13.22
N ASP A 238 -14.46 30.35 -12.88
CA ASP A 238 -13.61 29.74 -11.88
C ASP A 238 -12.17 29.65 -12.36
N ILE A 239 -11.95 29.41 -13.66
CA ILE A 239 -10.61 29.32 -14.24
C ILE A 239 -9.92 30.68 -14.19
N GLN A 240 -10.63 31.78 -14.55
CA GLN A 240 -10.11 33.14 -14.51
C GLN A 240 -9.79 33.50 -13.06
N GLU A 241 -10.63 33.05 -12.13
CA GLU A 241 -10.50 33.26 -10.70
C GLU A 241 -9.19 32.64 -10.21
N MET A 242 -8.85 31.41 -10.72
CA MET A 242 -7.62 30.67 -10.42
C MET A 242 -6.42 31.32 -11.11
N LYS A 243 -6.64 31.98 -12.27
CA LYS A 243 -5.59 32.69 -13.00
C LYS A 243 -5.21 33.97 -12.23
N ASP A 244 -6.18 34.57 -11.52
CA ASP A 244 -5.95 35.78 -10.73
C ASP A 244 -5.23 35.40 -9.42
N GLU A 245 -5.46 34.18 -8.95
CA GLU A 245 -4.79 33.63 -7.78
C GLU A 245 -3.35 33.26 -8.14
N SER A 246 -3.14 32.64 -9.33
CA SER A 246 -1.83 32.26 -9.87
C SER A 246 -0.94 33.50 -10.04
N ALA A 247 -1.54 34.62 -10.51
CA ALA A 247 -0.92 35.92 -10.71
C ALA A 247 -0.37 36.47 -9.40
N ARG A 248 -1.17 36.43 -8.33
CA ARG A 248 -0.85 36.86 -6.97
C ARG A 248 0.33 36.06 -6.41
N MET A 249 0.26 34.73 -6.52
CA MET A 249 1.24 33.80 -5.99
C MET A 249 2.63 33.96 -6.60
N SER A 250 2.70 34.33 -7.89
CA SER A 250 3.95 34.54 -8.60
C SER A 250 4.54 35.91 -8.23
N GLN A 251 3.70 36.84 -7.74
CA GLN A 251 4.11 38.19 -7.34
C GLN A 251 4.59 38.23 -5.90
N GLU A 252 4.13 37.28 -5.08
CA GLU A 252 4.47 37.14 -3.66
C GLU A 252 5.59 36.12 -3.46
N LYS A 253 6.46 36.37 -2.46
CA LYS A 253 7.55 35.48 -2.04
C LYS A 253 6.99 34.15 -1.52
N GLN A 254 7.78 33.07 -1.62
CA GLN A 254 7.40 31.73 -1.13
C GLN A 254 7.12 31.82 0.39
N VAL A 255 5.89 31.44 0.78
CA VAL A 255 5.40 31.58 2.16
C VAL A 255 5.87 30.45 3.07
N THR A 256 6.78 30.83 3.98
CA THR A 256 7.32 30.00 5.06
C THR A 256 6.47 30.22 6.32
N VAL A 257 6.47 29.26 7.25
CA VAL A 257 5.72 29.32 8.53
C VAL A 257 6.00 30.66 9.27
N LEU A 258 7.29 31.08 9.35
CA LEU A 258 7.73 32.33 10.00
C LEU A 258 7.10 33.60 9.36
N GLU A 259 6.95 33.61 8.01
CA GLU A 259 6.37 34.71 7.24
C GLU A 259 4.92 35.04 7.66
N LEU A 260 4.11 34.00 8.01
CA LEU A 260 2.71 34.13 8.45
C LEU A 260 2.54 35.01 9.69
N PHE A 261 3.59 35.07 10.54
CA PHE A 261 3.59 35.86 11.76
C PHE A 261 4.23 37.25 11.53
N ARG A 262 5.09 37.38 10.49
CA ARG A 262 5.80 38.62 10.14
C ARG A 262 4.92 39.55 9.28
N VAL A 263 4.29 38.99 8.22
CA VAL A 263 3.40 39.71 7.29
C VAL A 263 2.06 39.99 7.98
N SER A 264 1.67 41.26 8.03
CA SER A 264 0.45 41.74 8.67
C SER A 264 -0.84 41.14 8.09
N SER A 265 -0.91 41.01 6.75
CA SER A 265 -2.09 40.49 6.07
C SER A 265 -2.28 38.97 6.31
N TYR A 266 -1.25 38.28 6.85
CA TYR A 266 -1.31 36.85 7.21
C TYR A 266 -1.50 36.68 8.72
N ARG A 267 -1.04 37.66 9.52
CA ARG A 267 -1.12 37.68 10.98
C ARG A 267 -2.58 37.54 11.46
N GLN A 268 -3.53 38.28 10.86
CA GLN A 268 -4.93 38.23 11.26
C GLN A 268 -5.54 36.85 10.90
N PRO A 269 -5.50 36.31 9.64
CA PRO A 269 -6.05 34.98 9.41
C PRO A 269 -5.33 33.84 10.16
N ILE A 270 -4.03 33.99 10.54
CA ILE A 270 -3.34 32.91 11.27
C ILE A 270 -3.73 32.93 12.76
N ILE A 271 -4.00 34.11 13.37
CA ILE A 271 -4.47 34.18 14.75
C ILE A 271 -5.86 33.53 14.78
N ILE A 272 -6.72 33.86 13.79
CA ILE A 272 -8.06 33.28 13.64
C ILE A 272 -7.93 31.75 13.52
N SER A 273 -7.05 31.28 12.60
CA SER A 273 -6.82 29.85 12.34
C SER A 273 -6.42 29.11 13.62
N ILE A 274 -5.42 29.62 14.37
CA ILE A 274 -4.93 28.99 15.61
C ILE A 274 -6.03 29.02 16.70
N VAL A 275 -6.63 30.20 16.98
CA VAL A 275 -7.66 30.36 18.03
C VAL A 275 -8.87 29.43 17.76
N LEU A 276 -9.28 29.28 16.49
CA LEU A 276 -10.41 28.40 16.19
C LEU A 276 -10.06 26.91 16.48
N GLN A 277 -8.77 26.51 16.41
CA GLN A 277 -8.36 25.15 16.80
C GLN A 277 -8.48 25.01 18.31
N LEU A 278 -8.05 26.06 19.04
CA LEU A 278 -8.13 26.10 20.51
C LEU A 278 -9.59 26.07 20.96
N SER A 279 -10.51 26.72 20.20
CA SER A 279 -11.94 26.76 20.53
C SER A 279 -12.58 25.37 20.46
N GLN A 280 -11.99 24.47 19.66
CA GLN A 280 -12.44 23.09 19.50
C GLN A 280 -11.87 22.21 20.62
N GLN A 281 -10.55 22.30 20.84
CA GLN A 281 -9.81 21.48 21.81
C GLN A 281 -9.94 21.94 23.26
N LEU A 282 -10.32 23.21 23.50
CA LEU A 282 -10.50 23.75 24.86
C LEU A 282 -11.97 24.08 25.15
N SER A 283 -12.90 23.44 24.41
CA SER A 283 -14.34 23.63 24.53
C SER A 283 -14.94 22.92 25.76
N GLY A 284 -14.27 21.87 26.23
CA GLY A 284 -14.74 21.05 27.34
C GLY A 284 -15.26 19.71 26.85
N ILE A 285 -15.07 19.43 25.55
CA ILE A 285 -15.51 18.22 24.88
C ILE A 285 -14.72 17.00 25.43
N ASN A 286 -13.44 17.21 25.81
CA ASN A 286 -12.62 16.15 26.40
C ASN A 286 -13.18 15.80 27.79
N ALA A 287 -13.57 16.83 28.57
CA ALA A 287 -14.12 16.73 29.91
C ALA A 287 -15.50 16.06 29.91
N VAL A 288 -16.35 16.42 28.93
CA VAL A 288 -17.71 15.90 28.80
C VAL A 288 -17.66 14.38 28.58
N PHE A 289 -16.75 13.90 27.70
CA PHE A 289 -16.60 12.46 27.44
C PHE A 289 -15.86 11.74 28.59
N TYR A 290 -14.97 12.45 29.32
CA TYR A 290 -14.24 11.92 30.49
C TYR A 290 -15.22 11.53 31.61
N TYR A 291 -16.18 12.44 31.90
CA TYR A 291 -17.20 12.25 32.93
C TYR A 291 -18.39 11.43 32.41
N SER A 292 -18.49 11.21 31.07
CA SER A 292 -19.60 10.51 30.42
C SER A 292 -19.90 9.14 31.04
N THR A 293 -18.93 8.18 30.98
CA THR A 293 -19.04 6.79 31.47
C THR A 293 -19.49 6.72 32.93
N GLY A 294 -18.94 7.60 33.78
CA GLY A 294 -19.28 7.71 35.19
C GLY A 294 -20.72 8.09 35.42
N ILE A 295 -21.23 9.04 34.60
CA ILE A 295 -22.61 9.54 34.66
C ILE A 295 -23.60 8.44 34.21
N PHE A 296 -23.26 7.72 33.12
CA PHE A 296 -24.06 6.62 32.58
C PHE A 296 -24.12 5.43 33.56
N LYS A 297 -23.06 5.24 34.37
CA LYS A 297 -22.96 4.19 35.38
C LYS A 297 -23.88 4.49 36.57
N ASP A 298 -24.01 5.78 36.95
CA ASP A 298 -24.86 6.24 38.05
C ASP A 298 -26.36 6.11 37.71
N ALA A 299 -26.72 6.16 36.42
CA ALA A 299 -28.10 6.02 35.96
C ALA A 299 -28.31 4.70 35.24
N PRO A 304 -22.10 0.76 29.90
CA PRO A 304 -21.78 2.18 29.72
C PRO A 304 -21.12 2.47 28.37
N ILE A 305 -20.49 1.45 27.76
CA ILE A 305 -19.85 1.56 26.44
C ILE A 305 -20.95 1.68 25.37
N TYR A 306 -22.10 0.98 25.56
CA TYR A 306 -23.22 1.04 24.63
C TYR A 306 -23.89 2.41 24.65
N ALA A 307 -23.71 3.17 25.76
CA ALA A 307 -24.21 4.52 25.96
C ALA A 307 -23.21 5.54 25.36
N THR A 308 -21.91 5.19 25.41
CA THR A 308 -20.78 5.93 24.83
C THR A 308 -20.91 5.83 23.29
N ILE A 309 -21.37 4.66 22.80
CA ILE A 309 -21.65 4.39 21.39
C ILE A 309 -22.91 5.20 21.01
N GLY A 310 -23.83 5.36 21.96
CA GLY A 310 -25.04 6.15 21.80
C GLY A 310 -24.74 7.63 21.62
N ALA A 311 -23.69 8.13 22.33
CA ALA A 311 -23.18 9.50 22.23
C ALA A 311 -22.52 9.74 20.86
N GLY A 312 -22.03 8.65 20.24
CA GLY A 312 -21.42 8.66 18.91
C GLY A 312 -22.43 8.88 17.81
N VAL A 313 -23.68 8.39 18.01
CA VAL A 313 -24.79 8.52 17.06
C VAL A 313 -25.28 9.97 17.10
N VAL A 314 -25.39 10.57 18.32
CA VAL A 314 -25.76 11.98 18.48
C VAL A 314 -24.70 12.83 17.75
N ASN A 315 -23.40 12.55 18.02
CA ASN A 315 -22.23 13.18 17.42
C ASN A 315 -22.30 13.12 15.88
N THR A 316 -22.71 11.97 15.32
CA THR A 316 -22.84 11.78 13.87
C THR A 316 -24.04 12.59 13.31
N ILE A 317 -25.23 12.49 13.97
CA ILE A 317 -26.45 13.18 13.52
C ILE A 317 -26.24 14.69 13.44
N PHE A 318 -25.59 15.30 14.46
CA PHE A 318 -25.41 16.75 14.49
C PHE A 318 -24.30 17.25 13.57
N THR A 319 -23.37 16.37 13.11
CA THR A 319 -22.35 16.79 12.13
C THR A 319 -23.07 16.95 10.79
N VAL A 320 -24.03 16.04 10.51
CA VAL A 320 -24.88 16.04 9.30
C VAL A 320 -25.78 17.30 9.36
N VAL A 321 -26.25 17.68 10.57
CA VAL A 321 -27.05 18.88 10.80
C VAL A 321 -26.21 20.10 10.38
N SER A 322 -24.93 20.18 10.84
CA SER A 322 -24.02 21.27 10.50
C SER A 322 -23.79 21.34 8.97
N LEU A 323 -23.60 20.18 8.32
CA LEU A 323 -23.40 20.06 6.87
C LEU A 323 -24.56 20.72 6.09
N PHE A 324 -25.81 20.51 6.55
CA PHE A 324 -27.01 21.04 5.93
C PHE A 324 -27.34 22.48 6.37
N LEU A 325 -26.50 23.10 7.23
CA LEU A 325 -26.75 24.45 7.72
C LEU A 325 -25.62 25.45 7.45
N VAL A 326 -24.36 24.97 7.32
CA VAL A 326 -23.17 25.82 7.16
C VAL A 326 -23.22 26.70 5.87
N GLU A 327 -23.93 26.27 4.80
CA GLU A 327 -23.99 27.14 3.63
C GLU A 327 -25.17 28.12 3.72
N ARG A 328 -26.12 27.87 4.64
CA ARG A 328 -27.29 28.74 4.84
C ARG A 328 -27.02 29.76 5.96
N ALA A 329 -26.68 29.27 7.16
CA ALA A 329 -26.41 30.07 8.36
C ALA A 329 -25.04 30.75 8.35
N GLY A 330 -24.05 30.11 7.74
CA GLY A 330 -22.69 30.61 7.71
C GLY A 330 -21.87 30.07 8.85
N ARG A 331 -20.54 30.20 8.75
CA ARG A 331 -19.59 29.70 9.76
C ARG A 331 -19.68 30.50 11.06
N ARG A 332 -19.65 31.84 10.97
CA ARG A 332 -19.73 32.73 12.13
C ARG A 332 -20.91 32.39 13.06
N THR A 333 -22.13 32.30 12.48
CA THR A 333 -23.37 32.00 13.19
C THR A 333 -23.33 30.61 13.87
N LEU A 334 -22.97 29.55 13.12
CA LEU A 334 -22.93 28.18 13.65
C LEU A 334 -21.84 27.99 14.70
N HIS A 335 -20.69 28.67 14.54
CA HIS A 335 -19.60 28.59 15.51
C HIS A 335 -20.02 29.25 16.82
N MET A 336 -20.73 30.39 16.74
CA MET A 336 -21.21 31.15 17.90
C MET A 336 -22.33 30.39 18.64
N ILE A 337 -23.34 29.83 17.90
CA ILE A 337 -24.45 29.03 18.47
C ILE A 337 -23.85 27.81 19.21
N GLY A 338 -22.84 27.18 18.60
CA GLY A 338 -22.13 26.05 19.14
C GLY A 338 -21.44 26.33 20.46
N LEU A 339 -20.61 27.41 20.50
CA LEU A 339 -19.88 27.82 21.70
C LEU A 339 -20.86 28.25 22.81
N GLY A 340 -21.88 29.03 22.44
CA GLY A 340 -22.92 29.52 23.34
C GLY A 340 -23.71 28.39 23.98
N GLY A 341 -24.18 27.46 23.15
CA GLY A 341 -24.94 26.30 23.58
C GLY A 341 -24.15 25.38 24.49
N MET A 342 -22.83 25.22 24.19
CA MET A 342 -21.90 24.44 25.01
C MET A 342 -21.67 25.12 26.36
N ALA A 343 -21.63 26.47 26.40
CA ALA A 343 -21.47 27.26 27.64
C ALA A 343 -22.67 27.06 28.58
N PHE A 344 -23.89 26.99 28.00
CA PHE A 344 -25.15 26.75 28.72
C PHE A 344 -25.15 25.33 29.29
N CYS A 345 -24.64 24.35 28.51
CA CYS A 345 -24.54 22.95 28.94
C CYS A 345 -23.38 22.74 29.92
N SER A 346 -22.32 23.56 29.81
CA SER A 346 -21.13 23.54 30.65
C SER A 346 -21.47 23.94 32.10
N THR A 347 -22.32 24.99 32.26
CA THR A 347 -22.77 25.48 33.57
C THR A 347 -23.80 24.51 34.15
N LEU A 348 -24.68 23.95 33.30
CA LEU A 348 -25.70 22.97 33.66
C LEU A 348 -25.01 21.67 34.18
N MET A 349 -23.79 21.36 33.67
CA MET A 349 -22.98 20.21 34.09
C MET A 349 -22.52 20.37 35.53
N THR A 350 -21.93 21.53 35.86
CA THR A 350 -21.40 21.87 37.19
C THR A 350 -22.49 21.75 38.26
N VAL A 351 -23.71 22.24 37.95
CA VAL A 351 -24.87 22.20 38.86
C VAL A 351 -25.37 20.76 38.99
N SER A 352 -25.41 19.99 37.88
CA SER A 352 -25.86 18.58 37.87
C SER A 352 -24.91 17.69 38.67
N LEU A 353 -23.58 17.80 38.42
CA LEU A 353 -22.52 17.00 39.04
C LEU A 353 -22.36 17.31 40.53
N LEU A 354 -22.69 18.54 40.99
CA LEU A 354 -22.61 18.88 42.41
C LEU A 354 -23.88 18.43 43.17
N LEU A 355 -25.02 18.33 42.47
CA LEU A 355 -26.30 17.90 43.05
C LEU A 355 -26.58 16.41 42.77
N LYS A 356 -25.67 15.72 42.02
CA LYS A 356 -25.80 14.29 41.70
C LYS A 356 -25.62 13.44 42.96
N ASP A 357 -24.47 13.63 43.67
CA ASP A 357 -24.13 12.93 44.91
C ASP A 357 -24.98 13.42 46.07
N MET A 362 -29.38 13.57 40.35
CA MET A 362 -30.03 13.91 39.08
C MET A 362 -29.11 13.57 37.89
N SER A 363 -28.81 12.26 37.74
CA SER A 363 -27.97 11.71 36.67
C SER A 363 -28.65 11.86 35.30
N PHE A 364 -30.00 11.79 35.28
CA PHE A 364 -30.86 11.93 34.10
C PHE A 364 -30.66 13.31 33.43
N VAL A 365 -30.49 14.37 34.24
CA VAL A 365 -30.25 15.75 33.79
C VAL A 365 -28.81 15.84 33.24
N CYS A 366 -27.85 15.17 33.89
CA CYS A 366 -26.45 15.20 33.47
C CYS A 366 -26.22 14.43 32.15
N ILE A 367 -27.04 13.38 31.88
CA ILE A 367 -26.98 12.63 30.62
C ILE A 367 -27.45 13.56 29.49
N GLY A 368 -28.50 14.34 29.79
CA GLY A 368 -29.07 15.32 28.88
C GLY A 368 -28.10 16.44 28.57
N ALA A 369 -27.36 16.93 29.60
CA ALA A 369 -26.37 18.01 29.46
C ALA A 369 -25.20 17.58 28.57
N ILE A 370 -24.78 16.30 28.67
CA ILE A 370 -23.71 15.72 27.86
C ILE A 370 -24.19 15.61 26.40
N LEU A 371 -25.40 15.03 26.18
CA LEU A 371 -26.04 14.82 24.87
C LEU A 371 -26.24 16.13 24.11
N VAL A 372 -26.73 17.19 24.80
CA VAL A 372 -26.98 18.50 24.19
C VAL A 372 -25.62 19.22 23.94
N PHE A 373 -24.60 19.01 24.81
CA PHE A 373 -23.26 19.60 24.64
C PHE A 373 -22.61 19.08 23.34
N VAL A 374 -22.71 17.77 23.11
CA VAL A 374 -22.20 17.07 21.93
C VAL A 374 -22.94 17.59 20.69
N ALA A 375 -24.27 17.77 20.80
CA ALA A 375 -25.11 18.32 19.74
C ALA A 375 -24.64 19.73 19.34
N PHE A 376 -24.37 20.59 20.36
CA PHE A 376 -23.89 21.95 20.11
C PHE A 376 -22.45 21.97 19.58
N PHE A 377 -21.57 21.11 20.11
CA PHE A 377 -20.18 21.00 19.66
C PHE A 377 -20.09 20.74 18.16
N GLU A 378 -20.92 19.80 17.67
CA GLU A 378 -20.93 19.40 16.27
C GLU A 378 -21.65 20.39 15.33
N ILE A 379 -22.36 21.38 15.87
CA ILE A 379 -23.02 22.39 15.03
C ILE A 379 -21.95 23.38 14.45
N GLY A 380 -20.95 23.73 15.24
CA GLY A 380 -19.91 24.66 14.82
C GLY A 380 -18.48 24.34 15.19
N PRO A 381 -18.09 24.39 16.50
CA PRO A 381 -16.67 24.17 16.87
C PRO A 381 -16.08 22.81 16.51
N GLY A 382 -16.93 21.85 16.17
CA GLY A 382 -16.50 20.53 15.74
C GLY A 382 -15.99 20.57 14.31
N PRO A 383 -16.86 20.81 13.29
CA PRO A 383 -16.38 20.78 11.90
C PRO A 383 -15.64 22.01 11.40
N ILE A 384 -16.12 23.23 11.72
CA ILE A 384 -15.60 24.50 11.18
C ILE A 384 -14.04 24.64 11.32
N PRO A 385 -13.37 24.43 12.50
CA PRO A 385 -11.92 24.65 12.57
C PRO A 385 -11.07 23.87 11.56
N TRP A 386 -11.56 22.70 11.10
CA TRP A 386 -10.84 21.88 10.13
C TRP A 386 -10.83 22.43 8.70
N PHE A 387 -11.95 23.03 8.23
CA PHE A 387 -11.97 23.52 6.85
C PHE A 387 -11.77 25.03 6.74
N ILE A 388 -12.02 25.80 7.81
CA ILE A 388 -11.94 27.26 7.80
C ILE A 388 -10.54 27.78 7.34
N VAL A 389 -9.44 27.10 7.75
CA VAL A 389 -8.06 27.54 7.45
C VAL A 389 -7.79 27.57 5.93
N ALA A 390 -8.38 26.64 5.18
CA ALA A 390 -8.25 26.57 3.74
C ALA A 390 -8.97 27.76 3.05
N GLU A 391 -10.05 28.28 3.68
CA GLU A 391 -10.85 29.41 3.19
C GLU A 391 -10.22 30.77 3.48
N LEU A 392 -9.51 30.89 4.63
CA LEU A 392 -8.89 32.13 5.07
C LEU A 392 -7.61 32.46 4.30
N PHE A 393 -7.04 31.49 3.59
CA PHE A 393 -5.82 31.70 2.83
C PHE A 393 -5.98 31.35 1.34
N SER A 394 -5.09 31.91 0.47
CA SER A 394 -5.02 31.60 -0.97
C SER A 394 -3.95 30.50 -1.15
N GLN A 395 -3.58 30.12 -2.40
CA GLN A 395 -2.64 29.00 -2.67
C GLN A 395 -1.27 29.11 -2.00
N GLY A 396 -0.63 30.25 -2.16
CA GLY A 396 0.69 30.54 -1.63
C GLY A 396 0.85 30.28 -0.16
N PRO A 397 0.05 30.91 0.75
CA PRO A 397 0.22 30.64 2.19
C PRO A 397 -0.61 29.47 2.75
N ARG A 398 -1.58 28.89 1.98
CA ARG A 398 -2.43 27.80 2.50
C ARG A 398 -1.62 26.61 3.12
N PRO A 399 -0.61 25.97 2.44
CA PRO A 399 0.11 24.85 3.08
C PRO A 399 0.78 25.22 4.42
N ALA A 400 1.49 26.37 4.49
CA ALA A 400 2.17 26.85 5.71
C ALA A 400 1.17 27.10 6.83
N ALA A 401 0.05 27.77 6.50
CA ALA A 401 -1.03 28.08 7.44
C ALA A 401 -1.70 26.82 7.98
N MET A 402 -1.89 25.78 7.13
CA MET A 402 -2.53 24.52 7.53
C MET A 402 -1.55 23.65 8.34
N ALA A 403 -0.23 23.85 8.15
CA ALA A 403 0.81 23.21 8.96
C ALA A 403 0.77 23.78 10.40
N VAL A 404 0.65 25.13 10.56
CA VAL A 404 0.59 25.83 11.86
C VAL A 404 -0.75 25.52 12.56
N ALA A 405 -1.89 25.73 11.85
CA ALA A 405 -3.23 25.45 12.39
C ALA A 405 -3.38 23.97 12.81
N GLY A 406 -2.97 23.05 11.95
CA GLY A 406 -3.01 21.62 12.24
C GLY A 406 -2.19 21.24 13.44
N CYS A 407 -0.94 21.74 13.51
CA CYS A 407 -0.06 21.50 14.63
C CYS A 407 -0.63 22.08 15.93
N SER A 408 -1.31 23.26 15.87
CA SER A 408 -1.97 23.91 17.01
C SER A 408 -3.07 23.03 17.58
N ASN A 409 -3.83 22.35 16.70
CA ASN A 409 -4.93 21.44 17.05
C ASN A 409 -4.42 20.21 17.80
N TRP A 410 -3.40 19.53 17.25
CA TRP A 410 -2.76 18.36 17.82
C TRP A 410 -2.05 18.68 19.15
N THR A 411 -1.29 19.79 19.21
CA THR A 411 -0.55 20.21 20.41
C THR A 411 -1.52 20.58 21.54
N SER A 412 -2.60 21.34 21.23
CA SER A 412 -3.58 21.72 22.27
C SER A 412 -4.33 20.49 22.77
N ASN A 413 -4.61 19.52 21.89
CA ASN A 413 -5.26 18.27 22.25
C ASN A 413 -4.37 17.48 23.22
N PHE A 414 -3.08 17.41 22.89
CA PHE A 414 -2.06 16.72 23.67
C PHE A 414 -1.89 17.35 25.05
N LEU A 415 -1.77 18.70 25.12
CA LEU A 415 -1.57 19.42 26.37
C LEU A 415 -2.81 19.39 27.26
N VAL A 416 -4.03 19.37 26.67
CA VAL A 416 -5.27 19.29 27.44
C VAL A 416 -5.35 17.86 28.04
N GLY A 417 -4.97 16.86 27.26
CA GLY A 417 -4.94 15.46 27.68
C GLY A 417 -4.00 15.20 28.85
N LEU A 418 -2.84 15.87 28.86
CA LEU A 418 -1.83 15.72 29.92
C LEU A 418 -2.24 16.41 31.22
N LEU A 419 -2.73 17.65 31.13
CA LEU A 419 -3.07 18.49 32.27
C LEU A 419 -4.48 18.28 32.83
N PHE A 420 -5.43 17.73 32.02
CA PHE A 420 -6.80 17.57 32.48
C PHE A 420 -6.98 16.61 33.70
N PRO A 421 -6.42 15.36 33.78
CA PRO A 421 -6.68 14.52 34.98
C PRO A 421 -6.29 15.22 36.29
N SER A 422 -5.15 15.96 36.26
CA SER A 422 -4.61 16.74 37.35
C SER A 422 -5.59 17.88 37.71
N ALA A 423 -6.19 18.54 36.69
CA ALA A 423 -7.17 19.61 36.89
C ALA A 423 -8.49 19.07 37.45
N ALA A 424 -8.97 17.93 36.92
CA ALA A 424 -10.21 17.25 37.33
C ALA A 424 -10.10 16.71 38.76
N HIS A 425 -8.88 16.37 39.21
CA HIS A 425 -8.61 15.86 40.55
C HIS A 425 -8.68 16.99 41.58
N TYR A 426 -8.10 18.15 41.27
CA TYR A 426 -8.03 19.29 42.19
C TYR A 426 -9.25 20.22 42.14
N LEU A 427 -9.99 20.27 41.00
CA LEU A 427 -11.18 21.14 40.86
C LEU A 427 -12.50 20.38 40.95
N GLY A 428 -12.52 19.12 40.50
CA GLY A 428 -13.72 18.31 40.50
C GLY A 428 -14.74 18.81 39.49
N ALA A 429 -16.00 18.94 39.93
CA ALA A 429 -17.13 19.40 39.10
C ALA A 429 -16.91 20.84 38.62
N TYR A 430 -16.16 21.63 39.40
CA TYR A 430 -15.82 23.03 39.11
C TYR A 430 -14.87 23.18 37.91
N VAL A 431 -14.43 22.05 37.30
CA VAL A 431 -13.56 22.04 36.12
C VAL A 431 -14.37 22.54 34.89
N PHE A 432 -15.71 22.43 34.90
CA PHE A 432 -16.58 22.87 33.82
C PHE A 432 -16.78 24.40 33.88
N ILE A 433 -16.30 25.06 34.93
CA ILE A 433 -16.41 26.50 35.06
C ILE A 433 -15.30 27.17 34.22
N ILE A 434 -14.06 26.61 34.23
CA ILE A 434 -12.95 27.16 33.44
C ILE A 434 -13.20 26.93 31.94
N PHE A 435 -14.00 25.89 31.60
CA PHE A 435 -14.41 25.66 30.22
C PHE A 435 -15.47 26.68 29.80
N THR A 436 -16.34 27.10 30.73
CA THR A 436 -17.36 28.14 30.50
C THR A 436 -16.65 29.48 30.26
N GLY A 437 -15.53 29.70 30.97
CA GLY A 437 -14.67 30.87 30.79
C GLY A 437 -14.04 30.88 29.42
N PHE A 438 -13.51 29.70 28.96
CA PHE A 438 -12.92 29.54 27.63
C PHE A 438 -13.98 29.77 26.53
N LEU A 439 -15.12 29.06 26.62
CA LEU A 439 -16.21 29.10 25.66
C LEU A 439 -16.70 30.53 25.37
N ILE A 440 -16.92 31.35 26.44
CA ILE A 440 -17.36 32.74 26.35
C ILE A 440 -16.25 33.59 25.69
N THR A 441 -14.96 33.30 26.00
CA THR A 441 -13.82 34.02 25.42
C THR A 441 -13.76 33.78 23.92
N PHE A 442 -13.93 32.51 23.46
CA PHE A 442 -13.93 32.15 22.04
C PHE A 442 -15.19 32.69 21.35
N LEU A 443 -16.34 32.74 22.09
CA LEU A 443 -17.61 33.28 21.63
C LEU A 443 -17.47 34.77 21.33
N ALA A 444 -16.70 35.48 22.19
CA ALA A 444 -16.38 36.91 22.02
C ALA A 444 -15.42 37.10 20.84
N PHE A 445 -14.37 36.27 20.76
CA PHE A 445 -13.34 36.32 19.72
C PHE A 445 -13.96 36.12 18.32
N THR A 446 -14.84 35.10 18.16
CA THR A 446 -15.53 34.83 16.90
C THR A 446 -16.38 36.06 16.48
N PHE A 447 -17.13 36.64 17.44
CA PHE A 447 -17.96 37.79 17.19
C PHE A 447 -17.17 39.02 16.66
N PHE A 448 -16.00 39.32 17.25
CA PHE A 448 -15.24 40.51 16.86
C PHE A 448 -14.13 40.29 15.81
N LYS A 449 -13.51 39.11 15.75
CA LYS A 449 -12.36 38.89 14.88
C LYS A 449 -12.57 37.98 13.66
N VAL A 450 -13.50 37.02 13.72
CA VAL A 450 -13.69 36.05 12.64
C VAL A 450 -14.62 36.61 11.55
N PRO A 451 -14.12 36.78 10.29
CA PRO A 451 -15.00 37.25 9.22
C PRO A 451 -15.80 36.12 8.57
N GLU A 452 -16.97 36.42 7.99
CA GLU A 452 -17.78 35.42 7.31
C GLU A 452 -17.14 35.14 5.94
N THR A 453 -16.91 33.84 5.65
CA THR A 453 -16.23 33.36 4.44
C THR A 453 -17.20 32.58 3.53
N ARG A 454 -18.43 32.31 4.01
CA ARG A 454 -19.48 31.58 3.30
C ARG A 454 -19.72 32.15 1.91
N GLY A 455 -19.65 31.30 0.90
CA GLY A 455 -19.86 31.63 -0.52
C GLY A 455 -18.87 32.60 -1.16
N ARG A 456 -17.84 33.01 -0.40
CA ARG A 456 -16.83 33.96 -0.87
C ARG A 456 -15.64 33.25 -1.49
N THR A 457 -14.94 33.95 -2.36
CA THR A 457 -13.76 33.50 -3.10
C THR A 457 -12.51 33.70 -2.21
N PHE A 458 -11.45 32.86 -2.40
CA PHE A 458 -10.19 32.99 -1.68
C PHE A 458 -9.58 34.38 -1.92
N GLU A 459 -9.66 34.88 -3.17
CA GLU A 459 -9.17 36.20 -3.58
C GLU A 459 -9.98 37.32 -2.88
N ASP A 460 -11.32 37.16 -2.76
CA ASP A 460 -12.21 38.09 -2.08
C ASP A 460 -11.92 38.09 -0.58
N ILE A 461 -11.64 36.89 0.00
CA ILE A 461 -11.31 36.75 1.43
C ILE A 461 -9.94 37.40 1.72
N THR A 462 -8.93 37.14 0.85
CA THR A 462 -7.57 37.69 0.96
C THR A 462 -7.58 39.22 0.79
N ARG A 463 -8.29 39.74 -0.25
CA ARG A 463 -8.39 41.17 -0.52
C ARG A 463 -8.91 41.93 0.69
N ALA A 464 -9.86 41.31 1.45
CA ALA A 464 -10.46 41.88 2.65
C ALA A 464 -9.44 41.94 3.82
N PHE A 465 -8.58 40.90 3.98
CA PHE A 465 -7.53 40.94 5.02
C PHE A 465 -6.43 41.96 4.66
N GLU A 466 -6.14 42.09 3.34
CA GLU A 466 -5.13 43.01 2.80
C GLU A 466 -5.58 44.46 2.91
N GLY A 467 -6.90 44.67 2.91
CA GLY A 467 -7.54 45.97 3.07
C GLY A 467 -7.53 46.42 4.53
N GLN A 468 -7.82 45.48 5.44
CA GLN A 468 -7.84 45.68 6.89
C GLN A 468 -6.43 46.03 7.40
N ALA A 469 -5.41 45.28 6.95
CA ALA A 469 -4.01 45.48 7.30
C ALA A 469 -3.41 46.67 6.56
N VAL B 6 27.27 -14.02 4.96
CA VAL B 6 25.82 -13.90 4.84
C VAL B 6 25.28 -13.38 6.16
N THR B 7 24.99 -12.08 6.23
CA THR B 7 24.47 -11.43 7.44
C THR B 7 22.93 -11.51 7.49
N PRO B 8 22.27 -11.32 8.67
CA PRO B 8 20.80 -11.28 8.68
C PRO B 8 20.23 -10.14 7.82
N ALA B 9 21.07 -9.11 7.55
CA ALA B 9 20.75 -7.93 6.73
C ALA B 9 20.55 -8.35 5.26
N LEU B 10 21.44 -9.23 4.74
CA LEU B 10 21.41 -9.76 3.38
C LEU B 10 20.23 -10.71 3.20
N ILE B 11 19.99 -11.61 4.18
CA ILE B 11 18.89 -12.57 4.18
C ILE B 11 17.56 -11.81 4.16
N PHE B 12 17.41 -10.77 5.02
CA PHE B 12 16.19 -9.96 5.10
C PHE B 12 15.91 -9.25 3.76
N ALA B 13 16.94 -8.57 3.19
CA ALA B 13 16.84 -7.85 1.92
C ALA B 13 16.38 -8.74 0.77
N ILE B 14 16.95 -9.96 0.66
CA ILE B 14 16.63 -10.93 -0.39
C ILE B 14 15.23 -11.54 -0.14
N THR B 15 14.87 -11.87 1.12
CA THR B 15 13.57 -12.43 1.49
C THR B 15 12.44 -11.45 1.13
N VAL B 16 12.60 -10.16 1.48
CA VAL B 16 11.61 -9.11 1.19
C VAL B 16 11.45 -8.98 -0.32
N ALA B 17 12.57 -9.02 -1.09
CA ALA B 17 12.56 -8.95 -2.55
C ALA B 17 11.79 -10.13 -3.16
N THR B 18 12.03 -11.36 -2.67
CA THR B 18 11.40 -12.61 -3.15
C THR B 18 9.89 -12.68 -2.86
N ILE B 19 9.30 -11.65 -2.18
CA ILE B 19 7.84 -11.60 -1.97
C ILE B 19 7.20 -11.43 -3.36
N GLY B 20 7.89 -10.72 -4.26
CA GLY B 20 7.49 -10.54 -5.65
C GLY B 20 7.49 -11.85 -6.42
N SER B 21 8.42 -12.78 -6.10
CA SER B 21 8.51 -14.12 -6.71
C SER B 21 7.30 -14.96 -6.30
N PHE B 22 6.96 -14.91 -4.99
CA PHE B 22 5.82 -15.55 -4.37
C PHE B 22 4.53 -15.03 -5.02
N GLN B 23 4.46 -13.70 -5.26
CA GLN B 23 3.31 -13.02 -5.89
C GLN B 23 3.09 -13.55 -7.29
N PHE B 24 4.19 -13.70 -8.06
CA PHE B 24 4.17 -14.23 -9.42
C PHE B 24 3.66 -15.69 -9.40
N GLY B 25 4.20 -16.51 -8.50
CA GLY B 25 3.78 -17.90 -8.34
C GLY B 25 2.33 -18.04 -7.92
N TYR B 26 1.91 -17.29 -6.88
CA TYR B 26 0.55 -17.28 -6.34
C TYR B 26 -0.47 -16.90 -7.41
N ASN B 27 -0.25 -15.79 -8.11
CA ASN B 27 -1.16 -15.29 -9.13
C ASN B 27 -1.21 -16.21 -10.36
N THR B 28 -0.11 -16.92 -10.66
CA THR B 28 -0.06 -17.89 -11.75
C THR B 28 -0.95 -19.09 -11.42
N GLY B 29 -0.74 -19.71 -10.25
CA GLY B 29 -1.42 -20.91 -9.81
C GLY B 29 -2.74 -20.80 -9.08
N VAL B 30 -3.20 -19.60 -8.75
CA VAL B 30 -4.43 -19.37 -7.98
C VAL B 30 -5.72 -19.64 -8.80
N ILE B 31 -5.73 -19.24 -10.07
CA ILE B 31 -6.90 -19.20 -10.95
C ILE B 31 -7.48 -20.59 -11.36
N ASN B 32 -6.73 -21.70 -11.21
CA ASN B 32 -7.20 -23.00 -11.66
C ASN B 32 -8.29 -23.62 -10.77
N ALA B 33 -8.08 -23.71 -9.45
CA ALA B 33 -9.05 -24.29 -8.52
C ALA B 33 -10.45 -23.60 -8.53
N PRO B 34 -10.62 -22.25 -8.55
CA PRO B 34 -11.98 -21.70 -8.50
C PRO B 34 -12.67 -21.57 -9.87
N GLU B 35 -12.19 -22.28 -10.92
CA GLU B 35 -12.75 -22.24 -12.28
C GLU B 35 -14.29 -22.39 -12.32
N LYS B 36 -14.83 -23.52 -11.79
CA LYS B 36 -16.26 -23.79 -11.80
C LYS B 36 -17.06 -22.72 -11.06
N ILE B 37 -16.55 -22.29 -9.89
CA ILE B 37 -17.19 -21.31 -9.03
C ILE B 37 -17.18 -19.91 -9.69
N ILE B 38 -16.08 -19.52 -10.36
CA ILE B 38 -15.97 -18.21 -11.05
C ILE B 38 -16.85 -18.22 -12.32
N LYS B 39 -16.87 -19.34 -13.07
CA LYS B 39 -17.71 -19.45 -14.26
C LYS B 39 -19.20 -19.29 -13.88
N GLU B 40 -19.61 -19.83 -12.71
CA GLU B 40 -20.97 -19.73 -12.14
C GLU B 40 -21.31 -18.28 -11.76
N PHE B 41 -20.28 -17.50 -11.36
CA PHE B 41 -20.39 -16.09 -11.02
C PHE B 41 -20.58 -15.24 -12.30
N ILE B 42 -19.73 -15.47 -13.34
CA ILE B 42 -19.78 -14.79 -14.65
C ILE B 42 -21.18 -14.96 -15.25
N GLN B 43 -21.71 -16.20 -15.20
CA GLN B 43 -23.05 -16.58 -15.67
C GLN B 43 -24.17 -15.84 -14.92
N LYS B 44 -24.10 -15.80 -13.56
CA LYS B 44 -25.11 -15.13 -12.73
C LYS B 44 -25.11 -13.63 -12.98
N THR B 45 -23.92 -13.00 -13.01
CA THR B 45 -23.76 -11.56 -13.24
C THR B 45 -24.34 -11.14 -14.60
N LEU B 46 -24.00 -11.90 -15.66
CA LEU B 46 -24.44 -11.62 -17.02
C LEU B 46 -25.93 -11.88 -17.24
N THR B 47 -26.49 -12.94 -16.62
CA THR B 47 -27.91 -13.27 -16.74
C THR B 47 -28.75 -12.20 -16.03
N ASP B 48 -28.36 -11.80 -14.79
CA ASP B 48 -29.07 -10.82 -13.97
C ASP B 48 -29.11 -9.39 -14.57
N LYS B 49 -28.35 -9.13 -15.66
CA LYS B 49 -28.31 -7.82 -16.33
C LYS B 49 -29.64 -7.49 -17.01
N ALA B 52 -30.90 -11.41 -22.83
CA ALA B 52 -30.78 -12.83 -23.17
C ALA B 52 -29.63 -13.48 -22.36
N PRO B 53 -29.81 -14.73 -21.88
CA PRO B 53 -28.74 -15.37 -21.09
C PRO B 53 -27.47 -15.63 -21.91
N PRO B 54 -26.26 -15.55 -21.30
CA PRO B 54 -25.03 -15.79 -22.08
C PRO B 54 -24.90 -17.23 -22.56
N SER B 55 -24.28 -17.43 -23.73
CA SER B 55 -24.05 -18.75 -24.30
C SER B 55 -22.85 -19.40 -23.61
N GLU B 56 -22.73 -20.74 -23.70
CA GLU B 56 -21.61 -21.46 -23.09
C GLU B 56 -20.27 -21.06 -23.72
N VAL B 57 -20.30 -20.73 -25.03
CA VAL B 57 -19.15 -20.26 -25.82
C VAL B 57 -18.68 -18.90 -25.27
N LEU B 58 -19.62 -17.97 -24.99
CA LEU B 58 -19.29 -16.67 -24.40
C LEU B 58 -18.69 -16.85 -23.00
N LEU B 59 -19.31 -17.72 -22.17
CA LEU B 59 -18.90 -18.05 -20.81
C LEU B 59 -17.48 -18.60 -20.76
N THR B 60 -17.14 -19.50 -21.70
CA THR B 60 -15.81 -20.10 -21.78
C THR B 60 -14.81 -19.05 -22.28
N SER B 61 -15.23 -18.18 -23.23
CA SER B 61 -14.39 -17.11 -23.78
C SER B 61 -14.00 -16.11 -22.69
N LEU B 62 -14.97 -15.71 -21.82
CA LEU B 62 -14.72 -14.79 -20.71
C LEU B 62 -13.83 -15.43 -19.65
N TRP B 63 -13.98 -16.75 -19.41
CA TRP B 63 -13.12 -17.48 -18.49
C TRP B 63 -11.69 -17.52 -19.06
N SER B 64 -11.54 -17.85 -20.37
CA SER B 64 -10.24 -17.90 -21.06
C SER B 64 -9.58 -16.53 -21.01
N LEU B 65 -10.38 -15.46 -21.20
CA LEU B 65 -9.92 -14.07 -21.13
C LEU B 65 -9.44 -13.73 -19.72
N SER B 66 -10.16 -14.17 -18.67
CA SER B 66 -9.80 -13.96 -17.27
C SER B 66 -8.44 -14.60 -16.93
N VAL B 67 -8.14 -15.78 -17.53
CA VAL B 67 -6.89 -16.50 -17.33
C VAL B 67 -5.76 -15.86 -18.18
N ALA B 68 -5.96 -15.76 -19.52
CA ALA B 68 -4.98 -15.25 -20.49
C ALA B 68 -4.56 -13.79 -20.27
N ILE B 69 -5.48 -12.90 -19.83
CA ILE B 69 -5.19 -11.47 -19.65
C ILE B 69 -3.99 -11.27 -18.66
N PHE B 70 -3.81 -12.19 -17.69
CA PHE B 70 -2.70 -12.15 -16.74
C PHE B 70 -1.38 -12.25 -17.52
N SER B 71 -1.28 -13.18 -18.49
CA SER B 71 -0.09 -13.33 -19.35
C SER B 71 0.13 -12.08 -20.20
N VAL B 72 -0.94 -11.43 -20.72
CA VAL B 72 -0.84 -10.20 -21.51
C VAL B 72 -0.24 -9.08 -20.62
N GLY B 73 -0.76 -8.94 -19.40
CA GLY B 73 -0.27 -7.98 -18.42
C GLY B 73 1.19 -8.22 -18.13
N GLY B 74 1.54 -9.49 -17.90
CA GLY B 74 2.89 -9.92 -17.60
C GLY B 74 3.87 -9.63 -18.71
N MET B 75 3.44 -9.83 -19.97
CA MET B 75 4.21 -9.55 -21.18
C MET B 75 4.57 -8.05 -21.24
N ILE B 76 3.55 -7.18 -21.04
CA ILE B 76 3.69 -5.73 -21.04
C ILE B 76 4.56 -5.30 -19.86
N GLY B 77 4.27 -5.86 -18.67
CA GLY B 77 4.95 -5.57 -17.42
C GLY B 77 6.44 -5.89 -17.43
N SER B 78 6.78 -7.15 -17.75
CA SER B 78 8.17 -7.61 -17.84
C SER B 78 8.98 -6.81 -18.86
N PHE B 79 8.35 -6.44 -19.98
CA PHE B 79 9.01 -5.66 -21.03
C PHE B 79 9.18 -4.20 -20.62
N SER B 80 8.44 -3.74 -19.59
CA SER B 80 8.44 -2.34 -19.14
C SER B 80 9.38 -2.04 -17.96
N VAL B 81 10.09 -3.04 -17.39
CA VAL B 81 10.96 -2.87 -16.22
C VAL B 81 12.00 -1.72 -16.38
N GLY B 82 12.41 -1.44 -17.61
CA GLY B 82 13.37 -0.40 -17.95
C GLY B 82 12.85 1.01 -17.77
N LEU B 83 11.51 1.19 -17.67
CA LEU B 83 10.87 2.49 -17.42
C LEU B 83 10.88 2.84 -15.93
N PHE B 84 11.36 1.92 -15.06
CA PHE B 84 11.35 2.07 -13.61
C PHE B 84 12.73 2.02 -12.98
N VAL B 85 13.43 0.87 -13.13
CA VAL B 85 14.69 0.52 -12.46
C VAL B 85 15.76 1.62 -12.52
N ASN B 86 15.97 2.28 -13.66
CA ASN B 86 17.00 3.30 -13.73
C ASN B 86 16.50 4.65 -13.23
N ARG B 87 15.21 4.91 -13.42
CA ARG B 87 14.54 6.16 -13.04
C ARG B 87 14.37 6.27 -11.52
N PHE B 88 13.96 5.17 -10.85
CA PHE B 88 13.64 5.14 -9.43
C PHE B 88 14.62 4.34 -8.56
N GLY B 89 15.25 3.34 -9.14
CA GLY B 89 16.14 2.43 -8.44
C GLY B 89 15.51 1.07 -8.42
N ARG B 90 16.24 0.04 -8.01
CA ARG B 90 15.69 -1.31 -8.00
C ARG B 90 14.72 -1.49 -6.82
N ARG B 91 15.16 -1.11 -5.61
CA ARG B 91 14.41 -1.19 -4.36
C ARG B 91 13.12 -0.34 -4.46
N ASN B 92 13.24 0.95 -4.90
CA ASN B 92 12.12 1.88 -4.99
C ASN B 92 11.09 1.48 -6.03
N SER B 93 11.51 0.83 -7.14
CA SER B 93 10.62 0.34 -8.20
C SER B 93 9.70 -0.76 -7.64
N MET B 94 10.25 -1.69 -6.84
CA MET B 94 9.53 -2.78 -6.17
C MET B 94 8.45 -2.22 -5.25
N LEU B 95 8.76 -1.10 -4.55
CA LEU B 95 7.84 -0.38 -3.68
C LEU B 95 6.69 0.26 -4.49
N ILE B 96 7.02 1.04 -5.53
CA ILE B 96 6.10 1.75 -6.42
C ILE B 96 5.09 0.77 -7.06
N VAL B 97 5.53 -0.38 -7.58
CA VAL B 97 4.63 -1.32 -8.26
C VAL B 97 3.67 -2.05 -7.28
N ASN B 98 3.87 -1.96 -5.94
CA ASN B 98 2.89 -2.54 -5.01
C ASN B 98 1.55 -1.80 -5.12
N LEU B 99 1.54 -0.59 -5.73
CA LEU B 99 0.32 0.16 -6.05
C LEU B 99 -0.51 -0.63 -7.11
N LEU B 100 0.16 -1.37 -8.01
CA LEU B 100 -0.50 -2.20 -9.01
C LEU B 100 -1.07 -3.47 -8.36
N ALA B 101 -0.33 -4.05 -7.39
CA ALA B 101 -0.73 -5.25 -6.65
C ALA B 101 -2.00 -5.00 -5.84
N VAL B 102 -2.09 -3.82 -5.21
CA VAL B 102 -3.17 -3.39 -4.35
C VAL B 102 -4.42 -3.06 -5.19
N THR B 103 -4.26 -2.38 -6.35
CA THR B 103 -5.36 -2.04 -7.27
C THR B 103 -5.88 -3.32 -7.95
N GLY B 104 -4.97 -4.20 -8.40
CA GLY B 104 -5.30 -5.47 -9.03
C GLY B 104 -6.00 -6.41 -8.08
N GLY B 105 -5.45 -6.54 -6.87
CA GLY B 105 -6.01 -7.34 -5.80
C GLY B 105 -7.37 -6.87 -5.35
N CYS B 106 -7.59 -5.53 -5.30
CA CYS B 106 -8.88 -4.93 -4.92
C CYS B 106 -9.95 -5.19 -5.99
N PHE B 107 -9.59 -5.05 -7.29
CA PHE B 107 -10.50 -5.30 -8.40
C PHE B 107 -11.03 -6.74 -8.39
N MET B 108 -10.15 -7.73 -8.16
CA MET B 108 -10.49 -9.15 -8.09
C MET B 108 -11.23 -9.49 -6.80
N GLY B 109 -10.82 -8.86 -5.70
CA GLY B 109 -11.44 -9.05 -4.39
C GLY B 109 -12.81 -8.45 -4.28
N LEU B 110 -13.08 -7.35 -5.03
CA LEU B 110 -14.38 -6.66 -4.96
C LEU B 110 -15.30 -6.91 -6.18
N CYS B 111 -14.86 -7.66 -7.21
CA CYS B 111 -15.65 -7.93 -8.42
C CYS B 111 -17.01 -8.61 -8.11
N LYS B 112 -17.07 -9.46 -7.06
CA LYS B 112 -18.31 -10.13 -6.66
C LYS B 112 -19.30 -9.15 -6.02
N VAL B 113 -18.83 -8.32 -5.06
CA VAL B 113 -19.62 -7.29 -4.36
C VAL B 113 -20.15 -6.30 -5.40
N ALA B 114 -19.27 -5.86 -6.31
CA ALA B 114 -19.60 -4.92 -7.38
C ALA B 114 -20.45 -5.56 -8.48
N LYS B 115 -20.61 -6.90 -8.45
CA LYS B 115 -21.32 -7.69 -9.46
C LYS B 115 -20.78 -7.26 -10.84
N SER B 116 -19.45 -7.43 -11.03
CA SER B 116 -18.75 -6.96 -12.21
C SER B 116 -17.70 -7.95 -12.68
N VAL B 117 -17.88 -8.45 -13.92
CA VAL B 117 -16.96 -9.37 -14.61
C VAL B 117 -15.81 -8.52 -15.17
N GLU B 118 -16.10 -7.24 -15.50
CA GLU B 118 -15.13 -6.24 -15.98
C GLU B 118 -14.01 -6.03 -14.95
N MET B 119 -14.38 -5.96 -13.66
CA MET B 119 -13.42 -5.79 -12.56
C MET B 119 -12.51 -7.01 -12.41
N LEU B 120 -13.05 -8.21 -12.63
CA LEU B 120 -12.29 -9.46 -12.57
C LEU B 120 -11.24 -9.50 -13.68
N ILE B 121 -11.65 -9.19 -14.92
CA ILE B 121 -10.78 -9.18 -16.10
C ILE B 121 -9.72 -8.08 -15.95
N LEU B 122 -10.12 -6.85 -15.53
CA LEU B 122 -9.17 -5.77 -15.30
C LEU B 122 -8.20 -6.11 -14.17
N GLY B 123 -8.72 -6.72 -13.10
CA GLY B 123 -7.94 -7.15 -11.94
C GLY B 123 -6.83 -8.11 -12.32
N ARG B 124 -7.14 -9.09 -13.19
CA ARG B 124 -6.16 -10.07 -13.67
C ARG B 124 -5.13 -9.39 -14.61
N LEU B 125 -5.56 -8.37 -15.38
CA LEU B 125 -4.65 -7.58 -16.23
C LEU B 125 -3.64 -6.81 -15.36
N VAL B 126 -4.14 -6.04 -14.38
CA VAL B 126 -3.32 -5.20 -13.50
C VAL B 126 -2.36 -6.05 -12.65
N ILE B 127 -2.81 -7.26 -12.20
CA ILE B 127 -1.96 -8.15 -11.40
C ILE B 127 -0.92 -8.78 -12.33
N GLY B 128 -1.28 -8.90 -13.62
CA GLY B 128 -0.38 -9.36 -14.66
C GLY B 128 0.73 -8.35 -14.85
N LEU B 129 0.38 -7.05 -14.96
CA LEU B 129 1.33 -5.94 -15.11
C LEU B 129 2.32 -5.93 -13.97
N PHE B 130 1.81 -6.14 -12.73
CA PHE B 130 2.56 -6.17 -11.48
C PHE B 130 3.53 -7.36 -11.45
N CYS B 131 3.04 -8.59 -11.70
CA CYS B 131 3.85 -9.80 -11.70
C CYS B 131 4.93 -9.74 -12.78
N GLY B 132 4.60 -9.17 -13.94
CA GLY B 132 5.53 -8.97 -15.04
C GLY B 132 6.70 -8.10 -14.62
N LEU B 133 6.41 -6.94 -13.99
CA LEU B 133 7.43 -6.03 -13.49
C LEU B 133 8.27 -6.70 -12.39
N CYS B 134 7.64 -7.51 -11.52
CA CYS B 134 8.31 -8.28 -10.48
C CYS B 134 9.33 -9.24 -11.04
N THR B 135 8.95 -10.06 -12.05
CA THR B 135 9.79 -11.11 -12.65
C THR B 135 11.13 -10.56 -13.16
N GLY B 136 11.20 -9.25 -13.38
CA GLY B 136 12.41 -8.56 -13.82
C GLY B 136 13.09 -7.79 -12.71
N PHE B 137 12.31 -7.21 -11.78
CA PHE B 137 12.84 -6.44 -10.65
C PHE B 137 13.61 -7.31 -9.66
N VAL B 138 12.98 -8.42 -9.22
CA VAL B 138 13.50 -9.34 -8.21
C VAL B 138 14.89 -9.91 -8.63
N PRO B 139 15.07 -10.61 -9.79
CA PRO B 139 16.42 -11.10 -10.13
C PRO B 139 17.49 -10.02 -10.33
N MET B 140 17.09 -8.80 -10.74
CA MET B 140 17.99 -7.67 -10.96
C MET B 140 18.52 -7.20 -9.61
N TYR B 141 17.61 -7.00 -8.64
CA TYR B 141 17.95 -6.60 -7.28
C TYR B 141 18.82 -7.67 -6.60
N ILE B 142 18.40 -8.96 -6.65
CA ILE B 142 19.14 -10.09 -6.07
C ILE B 142 20.53 -10.19 -6.73
N GLY B 143 20.58 -10.10 -8.05
CA GLY B 143 21.81 -10.16 -8.83
C GLY B 143 22.80 -9.05 -8.53
N GLU B 144 22.31 -7.89 -8.07
CA GLU B 144 23.17 -6.74 -7.77
C GLU B 144 23.52 -6.62 -6.29
N ILE B 145 22.73 -7.18 -5.35
CA ILE B 145 23.09 -7.07 -3.93
C ILE B 145 23.85 -8.31 -3.41
N SER B 146 23.80 -9.43 -4.17
CA SER B 146 24.45 -10.67 -3.75
C SER B 146 25.96 -10.67 -3.91
N PRO B 147 26.70 -11.29 -2.94
CA PRO B 147 28.15 -11.43 -3.12
C PRO B 147 28.41 -12.36 -4.31
N THR B 148 29.32 -11.95 -5.23
CA THR B 148 29.67 -12.63 -6.48
C THR B 148 29.81 -14.17 -6.34
N ALA B 149 30.36 -14.65 -5.21
CA ALA B 149 30.57 -16.08 -4.92
C ALA B 149 29.27 -16.84 -4.51
N LEU B 150 28.13 -16.13 -4.38
CA LEU B 150 26.82 -16.71 -3.99
C LEU B 150 25.65 -16.16 -4.83
N ARG B 151 25.98 -15.42 -5.91
CA ARG B 151 25.03 -14.79 -6.84
C ARG B 151 23.99 -15.78 -7.42
N GLY B 152 24.41 -17.01 -7.70
CA GLY B 152 23.55 -18.07 -8.22
C GLY B 152 22.69 -18.70 -7.13
N ALA B 153 23.29 -18.95 -5.95
CA ALA B 153 22.59 -19.54 -4.79
C ALA B 153 21.41 -18.65 -4.38
N PHE B 154 21.65 -17.32 -4.25
CA PHE B 154 20.60 -16.36 -3.90
C PHE B 154 19.66 -16.14 -5.09
N GLY B 155 20.21 -16.24 -6.30
CA GLY B 155 19.47 -16.11 -7.55
C GLY B 155 18.40 -17.18 -7.68
N THR B 156 18.67 -18.38 -7.11
CA THR B 156 17.79 -19.56 -7.09
C THR B 156 16.58 -19.32 -6.16
N LEU B 157 16.69 -18.39 -5.18
CA LEU B 157 15.62 -18.04 -4.24
C LEU B 157 14.42 -17.40 -4.96
N ASN B 158 14.64 -16.86 -6.18
CA ASN B 158 13.57 -16.33 -7.02
C ASN B 158 12.66 -17.50 -7.41
N GLN B 159 13.24 -18.59 -7.93
CA GLN B 159 12.48 -19.78 -8.29
C GLN B 159 11.85 -20.46 -7.07
N LEU B 160 12.55 -20.47 -5.91
CA LEU B 160 12.01 -21.05 -4.67
C LEU B 160 10.74 -20.27 -4.26
N GLY B 161 10.80 -18.94 -4.35
CA GLY B 161 9.67 -18.05 -4.08
C GLY B 161 8.47 -18.36 -4.98
N ILE B 162 8.71 -18.51 -6.30
CA ILE B 162 7.70 -18.81 -7.33
C ILE B 162 6.99 -20.15 -7.02
N VAL B 163 7.79 -21.22 -6.83
CA VAL B 163 7.36 -22.60 -6.55
C VAL B 163 6.49 -22.64 -5.26
N VAL B 164 6.90 -21.92 -4.19
CA VAL B 164 6.17 -21.84 -2.92
C VAL B 164 4.83 -21.07 -3.14
N GLY B 165 4.87 -20.01 -3.97
CA GLY B 165 3.70 -19.22 -4.35
C GLY B 165 2.62 -20.05 -5.02
N ILE B 166 3.01 -20.93 -6.00
CA ILE B 166 2.08 -21.85 -6.71
C ILE B 166 1.45 -22.81 -5.68
N LEU B 167 2.29 -23.44 -4.84
CA LEU B 167 1.89 -24.39 -3.80
C LEU B 167 0.83 -23.80 -2.87
N VAL B 168 1.09 -22.59 -2.31
CA VAL B 168 0.19 -21.86 -1.41
C VAL B 168 -1.12 -21.56 -2.16
N ALA B 169 -1.02 -21.14 -3.44
CA ALA B 169 -2.18 -20.83 -4.28
C ALA B 169 -3.09 -22.06 -4.50
N GLN B 170 -2.47 -23.26 -4.57
CA GLN B 170 -3.15 -24.54 -4.76
C GLN B 170 -3.78 -25.02 -3.46
N ILE B 171 -3.11 -24.81 -2.31
CA ILE B 171 -3.58 -25.19 -0.98
C ILE B 171 -4.80 -24.30 -0.63
N PHE B 172 -4.66 -22.98 -0.76
CA PHE B 172 -5.70 -22.00 -0.48
C PHE B 172 -6.96 -22.20 -1.34
N GLY B 173 -6.79 -22.71 -2.57
CA GLY B 173 -7.86 -22.96 -3.52
C GLY B 173 -8.76 -24.14 -3.20
N LEU B 174 -8.42 -24.93 -2.16
CA LEU B 174 -9.24 -26.07 -1.74
C LEU B 174 -10.54 -25.58 -1.13
N GLU B 175 -11.67 -26.26 -1.46
CA GLU B 175 -13.04 -25.93 -1.04
C GLU B 175 -13.14 -25.54 0.45
N PHE B 176 -12.49 -26.31 1.35
CA PHE B 176 -12.50 -26.12 2.81
C PHE B 176 -11.58 -24.98 3.29
N ILE B 177 -10.88 -24.26 2.38
CA ILE B 177 -10.02 -23.14 2.79
C ILE B 177 -10.60 -21.84 2.18
N LEU B 178 -10.34 -21.54 0.89
CA LEU B 178 -10.85 -20.30 0.28
C LEU B 178 -11.53 -20.54 -1.07
N GLY B 179 -11.35 -21.73 -1.66
CA GLY B 179 -11.96 -22.09 -2.94
C GLY B 179 -13.42 -22.46 -2.78
N SER B 180 -14.17 -21.59 -2.08
CA SER B 180 -15.58 -21.70 -1.75
C SER B 180 -16.39 -20.71 -2.58
N GLU B 181 -17.73 -20.85 -2.58
CA GLU B 181 -18.61 -19.95 -3.32
C GLU B 181 -18.60 -18.56 -2.68
N GLU B 182 -18.41 -18.49 -1.34
CA GLU B 182 -18.41 -17.26 -0.55
C GLU B 182 -17.03 -16.63 -0.37
N LEU B 183 -15.95 -17.44 -0.33
CA LEU B 183 -14.59 -16.96 -0.05
C LEU B 183 -13.61 -16.85 -1.24
N TRP B 184 -14.04 -17.24 -2.48
CA TRP B 184 -13.15 -17.12 -3.66
C TRP B 184 -12.69 -15.65 -3.92
N PRO B 185 -13.47 -14.56 -3.64
CA PRO B 185 -12.92 -13.21 -3.84
C PRO B 185 -11.69 -12.96 -2.95
N LEU B 186 -11.68 -13.56 -1.73
CA LEU B 186 -10.55 -13.46 -0.79
C LEU B 186 -9.35 -14.25 -1.33
N LEU B 187 -9.61 -15.39 -2.01
CA LEU B 187 -8.59 -16.24 -2.63
C LEU B 187 -7.78 -15.44 -3.66
N LEU B 188 -8.49 -14.67 -4.52
CA LEU B 188 -7.87 -13.82 -5.53
C LEU B 188 -7.30 -12.54 -4.91
N GLY B 189 -8.02 -12.00 -3.93
CA GLY B 189 -7.64 -10.79 -3.22
C GLY B 189 -6.47 -10.96 -2.26
N PHE B 190 -6.07 -12.22 -1.97
CA PHE B 190 -4.97 -12.57 -1.05
C PHE B 190 -3.66 -11.86 -1.43
N THR B 191 -3.42 -11.64 -2.73
CA THR B 191 -2.25 -10.96 -3.27
C THR B 191 -1.98 -9.57 -2.58
N ILE B 192 -3.01 -8.94 -1.99
CA ILE B 192 -2.92 -7.68 -1.26
C ILE B 192 -2.06 -7.84 0.00
N LEU B 193 -2.23 -8.95 0.77
CA LEU B 193 -1.51 -9.22 2.02
C LEU B 193 0.04 -9.28 1.83
N PRO B 194 0.65 -10.11 0.93
CA PRO B 194 2.12 -10.04 0.77
C PRO B 194 2.58 -8.67 0.30
N ALA B 195 1.74 -7.95 -0.50
CA ALA B 195 2.05 -6.60 -0.99
C ALA B 195 2.10 -5.57 0.15
N ILE B 196 1.21 -5.68 1.18
CA ILE B 196 1.25 -4.74 2.30
C ILE B 196 2.46 -5.05 3.21
N LEU B 197 2.82 -6.34 3.35
CA LEU B 197 4.00 -6.74 4.13
C LEU B 197 5.28 -6.32 3.45
N GLN B 198 5.35 -6.47 2.10
CA GLN B 198 6.53 -6.06 1.34
C GLN B 198 6.72 -4.56 1.39
N SER B 199 5.61 -3.77 1.26
CA SER B 199 5.63 -2.31 1.31
C SER B 199 6.15 -1.80 2.65
N ALA B 200 5.73 -2.42 3.75
CA ALA B 200 6.16 -2.03 5.08
C ALA B 200 7.64 -2.41 5.34
N ALA B 201 8.12 -3.46 4.68
CA ALA B 201 9.46 -3.99 4.85
C ALA B 201 10.51 -3.35 3.94
N LEU B 202 10.14 -3.02 2.68
CA LEU B 202 11.03 -2.45 1.66
C LEU B 202 11.80 -1.18 2.13
N PRO B 203 11.21 -0.16 2.81
CA PRO B 203 12.03 0.99 3.25
C PRO B 203 13.16 0.62 4.21
N PHE B 204 13.15 -0.59 4.78
CA PHE B 204 14.16 -1.07 5.72
C PHE B 204 15.27 -1.87 4.99
N CYS B 205 15.04 -2.18 3.69
CA CYS B 205 15.97 -2.88 2.80
C CYS B 205 16.86 -1.87 2.12
N PRO B 206 18.12 -2.23 1.78
CA PRO B 206 18.97 -1.23 1.12
C PRO B 206 18.67 -1.11 -0.37
N GLU B 207 19.03 0.03 -0.96
CA GLU B 207 18.98 0.19 -2.40
C GLU B 207 20.22 -0.55 -2.92
N SER B 208 20.19 -1.04 -4.17
CA SER B 208 21.32 -1.77 -4.75
C SER B 208 22.61 -0.90 -4.69
N PRO B 209 23.69 -1.36 -4.00
CA PRO B 209 24.92 -0.54 -3.95
C PRO B 209 25.55 -0.39 -5.34
N ARG B 210 25.28 -1.32 -6.27
CA ARG B 210 25.73 -1.22 -7.67
C ARG B 210 25.05 -0.04 -8.32
N PHE B 211 23.73 0.11 -8.09
CA PHE B 211 22.90 1.21 -8.59
C PHE B 211 23.38 2.54 -8.02
N LEU B 212 23.58 2.61 -6.70
CA LEU B 212 24.01 3.82 -6.00
C LEU B 212 25.37 4.32 -6.46
N LEU B 213 26.33 3.41 -6.73
CA LEU B 213 27.68 3.80 -7.18
C LEU B 213 27.71 4.08 -8.68
N ILE B 214 27.18 3.16 -9.49
CA ILE B 214 27.25 3.27 -10.95
C ILE B 214 26.23 4.29 -11.50
N ASN B 215 24.93 4.12 -11.22
CA ASN B 215 23.91 5.00 -11.76
C ASN B 215 23.74 6.33 -11.03
N ARG B 216 23.93 6.36 -9.69
CA ARG B 216 23.68 7.57 -8.91
C ARG B 216 24.96 8.28 -8.40
N LYS B 217 26.15 7.68 -8.65
CA LYS B 217 27.48 8.20 -8.28
C LYS B 217 27.59 8.55 -6.78
N GLU B 218 27.17 7.61 -5.93
CA GLU B 218 27.19 7.68 -4.47
C GLU B 218 28.09 6.56 -3.95
N GLU B 219 29.42 6.77 -4.05
CA GLU B 219 30.47 5.83 -3.66
C GLU B 219 30.43 5.42 -2.17
N GLU B 220 30.35 6.41 -1.25
CA GLU B 220 30.34 6.14 0.19
C GLU B 220 29.06 5.43 0.62
N ASN B 221 27.88 5.92 0.14
CA ASN B 221 26.57 5.33 0.45
C ASN B 221 26.54 3.85 0.04
N ALA B 222 27.13 3.51 -1.12
CA ALA B 222 27.22 2.15 -1.63
C ALA B 222 28.18 1.29 -0.79
N LYS B 223 29.32 1.88 -0.33
CA LYS B 223 30.33 1.21 0.49
C LYS B 223 29.77 0.79 1.86
N GLN B 224 29.01 1.70 2.53
CA GLN B 224 28.39 1.46 3.83
C GLN B 224 27.36 0.32 3.78
N ILE B 225 26.55 0.26 2.69
CA ILE B 225 25.54 -0.78 2.45
C ILE B 225 26.23 -2.14 2.33
N LEU B 226 27.28 -2.21 1.47
CA LEU B 226 28.10 -3.38 1.19
C LEU B 226 28.77 -3.92 2.46
N GLN B 227 29.19 -3.00 3.37
CA GLN B 227 29.79 -3.30 4.68
C GLN B 227 28.77 -3.93 5.62
N ARG B 228 27.52 -3.44 5.58
CA ARG B 228 26.41 -3.96 6.40
C ARG B 228 25.88 -5.31 5.86
N LEU B 229 25.66 -5.39 4.53
CA LEU B 229 25.13 -6.58 3.85
C LEU B 229 26.06 -7.78 3.90
N TRP B 230 27.38 -7.57 3.79
CA TRP B 230 28.34 -8.69 3.79
C TRP B 230 29.15 -8.77 5.10
N GLY B 231 28.89 -7.84 6.03
CA GLY B 231 29.50 -7.78 7.35
C GLY B 231 31.01 -7.82 7.38
N THR B 232 31.67 -7.05 6.48
CA THR B 232 33.13 -6.98 6.37
C THR B 232 33.62 -5.55 6.13
N GLN B 233 34.95 -5.42 5.96
CA GLN B 233 35.68 -4.20 5.60
C GLN B 233 36.24 -4.39 4.20
N ASP B 234 36.46 -5.66 3.77
CA ASP B 234 36.96 -6.08 2.45
C ASP B 234 35.90 -5.89 1.36
N VAL B 235 35.45 -4.63 1.18
CA VAL B 235 34.47 -4.22 0.16
C VAL B 235 35.19 -3.38 -0.92
N SER B 236 36.45 -3.00 -0.64
CA SER B 236 37.35 -2.20 -1.47
C SER B 236 37.53 -2.78 -2.87
N GLN B 237 37.67 -4.13 -2.97
CA GLN B 237 37.83 -4.84 -4.23
C GLN B 237 36.55 -4.77 -5.05
N ASP B 238 35.40 -4.94 -4.37
CA ASP B 238 34.06 -4.91 -4.98
C ASP B 238 33.64 -3.50 -5.41
N ILE B 239 34.13 -2.45 -4.72
CA ILE B 239 33.82 -1.05 -5.05
C ILE B 239 34.64 -0.62 -6.29
N GLN B 240 35.92 -1.05 -6.38
CA GLN B 240 36.77 -0.77 -7.54
C GLN B 240 36.24 -1.48 -8.78
N GLU B 241 35.66 -2.68 -8.58
CA GLU B 241 35.01 -3.50 -9.57
C GLU B 241 33.82 -2.71 -10.17
N MET B 242 33.02 -2.06 -9.27
CA MET B 242 31.85 -1.24 -9.62
C MET B 242 32.28 0.06 -10.29
N LYS B 243 33.40 0.66 -9.83
CA LYS B 243 33.96 1.90 -10.38
C LYS B 243 34.43 1.69 -11.83
N ASP B 244 34.98 0.49 -12.15
CA ASP B 244 35.44 0.15 -13.49
C ASP B 244 34.24 -0.04 -14.43
N GLU B 245 33.11 -0.54 -13.90
CA GLU B 245 31.86 -0.70 -14.63
C GLU B 245 31.24 0.67 -14.93
N SER B 246 31.28 1.60 -13.94
CA SER B 246 30.74 2.95 -14.07
C SER B 246 31.48 3.75 -15.15
N ALA B 247 32.81 3.53 -15.26
CA ALA B 247 33.69 4.17 -16.24
C ALA B 247 33.35 3.69 -17.66
N ARG B 248 33.01 2.39 -17.80
CA ARG B 248 32.65 1.79 -19.08
C ARG B 248 31.22 2.17 -19.48
N MET B 249 30.27 2.23 -18.49
CA MET B 249 28.87 2.60 -18.70
C MET B 249 28.74 4.05 -19.22
N SER B 250 29.64 4.95 -18.77
CA SER B 250 29.67 6.34 -19.19
C SER B 250 30.33 6.47 -20.56
N GLN B 254 23.20 5.35 -23.75
CA GLN B 254 22.17 4.58 -23.05
C GLN B 254 21.77 3.36 -23.90
N VAL B 255 21.70 2.17 -23.25
CA VAL B 255 21.35 0.92 -23.92
C VAL B 255 19.84 0.75 -23.99
N THR B 256 19.29 0.89 -25.20
CA THR B 256 17.88 0.71 -25.48
C THR B 256 17.64 -0.78 -25.78
N VAL B 257 16.38 -1.18 -26.06
CA VAL B 257 16.05 -2.57 -26.40
C VAL B 257 16.68 -2.91 -27.77
N LEU B 258 16.58 -1.98 -28.74
CA LEU B 258 17.07 -2.11 -30.11
C LEU B 258 18.60 -2.26 -30.17
N GLU B 259 19.35 -1.53 -29.30
CA GLU B 259 20.82 -1.54 -29.26
C GLU B 259 21.40 -2.93 -28.93
N LEU B 260 20.70 -3.74 -28.11
CA LEU B 260 21.07 -5.11 -27.72
C LEU B 260 21.26 -6.03 -28.92
N PHE B 261 20.48 -5.80 -29.98
CA PHE B 261 20.49 -6.61 -31.19
C PHE B 261 21.45 -6.00 -32.25
N ARG B 262 21.72 -4.68 -32.18
CA ARG B 262 22.61 -3.95 -33.10
C ARG B 262 24.08 -4.13 -32.71
N VAL B 263 24.42 -3.96 -31.40
CA VAL B 263 25.78 -4.11 -30.87
C VAL B 263 26.11 -5.62 -30.77
N SER B 264 27.19 -6.05 -31.47
CA SER B 264 27.68 -7.44 -31.57
C SER B 264 28.01 -8.08 -30.22
N SER B 265 28.64 -7.30 -29.30
CA SER B 265 29.02 -7.79 -27.97
C SER B 265 27.80 -8.03 -27.07
N TYR B 266 26.60 -7.53 -27.47
CA TYR B 266 25.34 -7.74 -26.74
C TYR B 266 24.50 -8.82 -27.42
N ARG B 267 24.68 -9.00 -28.74
CA ARG B 267 23.97 -9.99 -29.56
C ARG B 267 24.14 -11.42 -29.01
N GLN B 268 25.37 -11.82 -28.65
CA GLN B 268 25.64 -13.16 -28.13
C GLN B 268 24.97 -13.34 -26.74
N PRO B 269 25.20 -12.50 -25.70
CA PRO B 269 24.48 -12.72 -24.42
C PRO B 269 22.95 -12.56 -24.51
N ILE B 270 22.39 -11.81 -25.50
CA ILE B 270 20.93 -11.66 -25.61
C ILE B 270 20.32 -12.91 -26.27
N ILE B 271 21.02 -13.55 -27.23
CA ILE B 271 20.51 -14.79 -27.84
C ILE B 271 20.50 -15.86 -26.74
N ILE B 272 21.58 -15.92 -25.92
CA ILE B 272 21.70 -16.83 -24.77
C ILE B 272 20.54 -16.57 -23.80
N SER B 273 20.32 -15.29 -23.43
CA SER B 273 19.26 -14.88 -22.50
C SER B 273 17.88 -15.33 -22.97
N ILE B 274 17.52 -15.05 -24.25
CA ILE B 274 16.22 -15.42 -24.81
C ILE B 274 16.07 -16.95 -24.89
N VAL B 275 17.05 -17.67 -25.49
CA VAL B 275 17.00 -19.12 -25.67
C VAL B 275 16.88 -19.85 -24.30
N LEU B 276 17.56 -19.36 -23.25
CA LEU B 276 17.45 -20.00 -21.93
C LEU B 276 16.03 -19.84 -21.35
N GLN B 277 15.28 -18.76 -21.72
CA GLN B 277 13.88 -18.62 -21.29
C GLN B 277 13.03 -19.68 -22.02
N LEU B 278 13.30 -19.86 -23.32
CA LEU B 278 12.61 -20.85 -24.15
C LEU B 278 12.89 -22.26 -23.64
N SER B 279 14.11 -22.52 -23.13
CA SER B 279 14.51 -23.84 -22.60
C SER B 279 13.70 -24.22 -21.36
N GLN B 280 13.21 -23.20 -20.63
CA GLN B 280 12.39 -23.37 -19.43
C GLN B 280 10.92 -23.60 -19.82
N GLN B 281 10.38 -22.73 -20.69
CA GLN B 281 8.98 -22.73 -21.10
C GLN B 281 8.64 -23.79 -22.17
N LEU B 282 9.63 -24.29 -22.91
CA LEU B 282 9.41 -25.32 -23.94
C LEU B 282 10.06 -26.65 -23.53
N SER B 283 10.29 -26.85 -22.24
CA SER B 283 10.89 -28.07 -21.65
C SER B 283 9.90 -29.23 -21.57
N GLY B 284 8.63 -28.91 -21.45
CA GLY B 284 7.53 -29.86 -21.30
C GLY B 284 6.98 -29.90 -19.89
N ILE B 285 7.31 -28.89 -19.07
CA ILE B 285 6.86 -28.79 -17.67
C ILE B 285 5.34 -28.51 -17.63
N ASN B 286 4.80 -27.83 -18.67
CA ASN B 286 3.38 -27.57 -18.83
C ASN B 286 2.65 -28.91 -19.06
N ALA B 287 3.21 -29.75 -19.95
CA ALA B 287 2.71 -31.07 -20.36
C ALA B 287 2.75 -32.09 -19.23
N VAL B 288 3.82 -32.08 -18.42
CA VAL B 288 4.02 -33.03 -17.32
C VAL B 288 2.97 -32.77 -16.22
N PHE B 289 2.61 -31.50 -15.96
CA PHE B 289 1.58 -31.19 -14.96
C PHE B 289 0.16 -31.34 -15.55
N TYR B 290 0.00 -31.17 -16.88
CA TYR B 290 -1.28 -31.31 -17.61
C TYR B 290 -1.78 -32.75 -17.50
N TYR B 291 -0.89 -33.72 -17.74
CA TYR B 291 -1.18 -35.16 -17.69
C TYR B 291 -1.08 -35.71 -16.24
N SER B 292 -0.49 -34.95 -15.29
CA SER B 292 -0.29 -35.36 -13.89
C SER B 292 -1.58 -35.77 -13.16
N THR B 293 -2.63 -34.94 -13.23
CA THR B 293 -3.92 -35.18 -12.56
C THR B 293 -4.58 -36.47 -13.07
N GLY B 294 -4.52 -36.71 -14.38
CA GLY B 294 -5.06 -37.90 -15.02
C GLY B 294 -4.34 -39.18 -14.64
N ILE B 295 -3.05 -39.05 -14.29
CA ILE B 295 -2.16 -40.14 -13.90
C ILE B 295 -2.32 -40.43 -12.39
N PHE B 296 -2.42 -39.38 -11.54
CA PHE B 296 -2.60 -39.51 -10.09
C PHE B 296 -3.96 -40.13 -9.74
N LYS B 297 -4.98 -39.92 -10.59
CA LYS B 297 -6.32 -40.46 -10.44
C LYS B 297 -6.32 -41.98 -10.69
N ASP B 298 -5.52 -42.43 -11.69
CA ASP B 298 -5.40 -43.84 -12.08
C ASP B 298 -4.67 -44.67 -11.01
N ALA B 299 -3.77 -44.04 -10.22
CA ALA B 299 -3.00 -44.69 -9.17
C ALA B 299 -3.46 -44.21 -7.79
N GLU B 303 -8.56 -36.05 -3.48
CA GLU B 303 -7.53 -37.06 -3.70
C GLU B 303 -6.49 -36.61 -4.76
N PRO B 304 -6.86 -36.17 -6.01
CA PRO B 304 -5.81 -35.76 -6.97
C PRO B 304 -5.16 -34.42 -6.61
N ILE B 305 -5.87 -33.58 -5.83
CA ILE B 305 -5.37 -32.29 -5.35
C ILE B 305 -4.26 -32.52 -4.32
N TYR B 306 -4.43 -33.54 -3.43
CA TYR B 306 -3.47 -33.95 -2.41
C TYR B 306 -2.17 -34.48 -3.04
N ALA B 307 -2.26 -34.93 -4.32
CA ALA B 307 -1.14 -35.44 -5.10
C ALA B 307 -0.45 -34.30 -5.88
N THR B 308 -1.21 -33.32 -6.41
CA THR B 308 -0.68 -32.16 -7.13
C THR B 308 0.12 -31.30 -6.13
N ILE B 309 -0.34 -31.25 -4.87
CA ILE B 309 0.30 -30.58 -3.75
C ILE B 309 1.56 -31.39 -3.36
N GLY B 310 1.45 -32.73 -3.41
CA GLY B 310 2.53 -33.67 -3.16
C GLY B 310 3.69 -33.49 -4.12
N ALA B 311 3.38 -33.18 -5.40
CA ALA B 311 4.36 -32.90 -6.45
C ALA B 311 5.02 -31.54 -6.19
N GLY B 312 4.24 -30.60 -5.62
CA GLY B 312 4.70 -29.28 -5.22
C GLY B 312 5.71 -29.35 -4.09
N VAL B 313 5.61 -30.41 -3.26
CA VAL B 313 6.55 -30.68 -2.15
C VAL B 313 7.90 -31.05 -2.78
N VAL B 314 7.90 -31.93 -3.81
CA VAL B 314 9.07 -32.39 -4.58
C VAL B 314 9.71 -31.18 -5.29
N ASN B 315 8.86 -30.33 -5.92
CA ASN B 315 9.25 -29.11 -6.63
C ASN B 315 10.01 -28.14 -5.71
N THR B 316 9.56 -28.02 -4.45
CA THR B 316 10.16 -27.18 -3.41
C THR B 316 11.54 -27.76 -3.01
N ILE B 317 11.60 -29.09 -2.75
CA ILE B 317 12.81 -29.81 -2.34
C ILE B 317 13.94 -29.69 -3.38
N PHE B 318 13.64 -29.91 -4.68
CA PHE B 318 14.67 -29.90 -5.73
C PHE B 318 15.14 -28.50 -6.13
N THR B 319 14.37 -27.43 -5.80
CA THR B 319 14.84 -26.06 -6.03
C THR B 319 15.91 -25.76 -4.98
N VAL B 320 15.70 -26.28 -3.74
CA VAL B 320 16.64 -26.17 -2.61
C VAL B 320 17.91 -26.99 -2.96
N VAL B 321 17.74 -28.14 -3.65
CA VAL B 321 18.84 -28.98 -4.12
C VAL B 321 19.68 -28.14 -5.09
N SER B 322 19.01 -27.44 -6.04
CA SER B 322 19.64 -26.57 -7.06
C SER B 322 20.42 -25.41 -6.41
N LEU B 323 19.87 -24.83 -5.32
CA LEU B 323 20.47 -23.74 -4.54
C LEU B 323 21.80 -24.19 -3.92
N PHE B 324 21.85 -25.43 -3.38
CA PHE B 324 23.03 -26.01 -2.73
C PHE B 324 24.03 -26.63 -3.73
N LEU B 325 23.76 -26.55 -5.05
CA LEU B 325 24.65 -27.14 -6.06
C LEU B 325 25.16 -26.15 -7.12
N VAL B 326 24.39 -25.09 -7.41
CA VAL B 326 24.70 -24.12 -8.46
C VAL B 326 26.08 -23.45 -8.26
N GLU B 327 26.50 -23.18 -7.02
CA GLU B 327 27.79 -22.55 -6.79
C GLU B 327 28.96 -23.56 -6.80
N ARG B 328 28.64 -24.87 -6.75
CA ARG B 328 29.65 -25.93 -6.79
C ARG B 328 29.79 -26.47 -8.22
N ALA B 329 28.68 -26.95 -8.81
CA ALA B 329 28.61 -27.55 -10.14
C ALA B 329 28.65 -26.52 -11.28
N GLY B 330 28.11 -25.33 -11.03
CA GLY B 330 28.03 -24.30 -12.05
C GLY B 330 26.71 -24.34 -12.80
N ARG B 331 26.38 -23.25 -13.51
CA ARG B 331 25.13 -23.12 -14.26
C ARG B 331 25.10 -24.05 -15.47
N ARG B 332 26.18 -24.05 -16.30
CA ARG B 332 26.31 -24.90 -17.49
C ARG B 332 25.99 -26.36 -17.20
N THR B 333 26.66 -26.93 -16.18
CA THR B 333 26.53 -28.34 -15.76
C THR B 333 25.09 -28.66 -15.30
N LEU B 334 24.52 -27.84 -14.37
CA LEU B 334 23.18 -28.08 -13.85
C LEU B 334 22.08 -27.89 -14.89
N HIS B 335 22.27 -26.92 -15.82
CA HIS B 335 21.31 -26.68 -16.89
C HIS B 335 21.29 -27.87 -17.86
N MET B 336 22.49 -28.43 -18.16
CA MET B 336 22.64 -29.57 -19.05
C MET B 336 22.09 -30.86 -18.43
N ILE B 337 22.41 -31.17 -17.15
CA ILE B 337 21.91 -32.34 -16.40
C ILE B 337 20.37 -32.28 -16.36
N GLY B 338 19.84 -31.07 -16.12
CA GLY B 338 18.41 -30.80 -16.08
C GLY B 338 17.70 -31.11 -17.38
N LEU B 339 18.19 -30.55 -18.51
CA LEU B 339 17.61 -30.78 -19.84
C LEU B 339 17.75 -32.25 -20.27
N GLY B 340 18.92 -32.85 -20.01
CA GLY B 340 19.21 -34.25 -20.32
C GLY B 340 18.32 -35.20 -19.57
N GLY B 341 18.22 -35.00 -18.25
CA GLY B 341 17.38 -35.79 -17.37
C GLY B 341 15.91 -35.71 -17.71
N MET B 342 15.44 -34.50 -18.11
CA MET B 342 14.08 -34.25 -18.55
C MET B 342 13.81 -34.96 -19.87
N ALA B 343 14.80 -35.03 -20.79
CA ALA B 343 14.71 -35.72 -22.09
C ALA B 343 14.53 -37.24 -21.89
N PHE B 344 15.23 -37.82 -20.88
CA PHE B 344 15.15 -39.22 -20.50
C PHE B 344 13.76 -39.51 -19.90
N CYS B 345 13.23 -38.58 -19.10
CA CYS B 345 11.91 -38.70 -18.48
C CYS B 345 10.80 -38.42 -19.50
N SER B 346 11.08 -37.57 -20.51
CA SER B 346 10.16 -37.19 -21.59
C SER B 346 9.85 -38.38 -22.49
N THR B 347 10.88 -39.19 -22.83
CA THR B 347 10.73 -40.39 -23.65
C THR B 347 10.08 -41.52 -22.84
N LEU B 348 10.44 -41.62 -21.54
CA LEU B 348 9.89 -42.60 -20.59
C LEU B 348 8.39 -42.34 -20.41
N MET B 349 7.96 -41.06 -20.49
CA MET B 349 6.56 -40.64 -20.37
C MET B 349 5.73 -41.16 -21.53
N THR B 350 6.24 -41.00 -22.79
CA THR B 350 5.58 -41.47 -24.01
C THR B 350 5.33 -42.99 -23.97
N VAL B 351 6.37 -43.78 -23.59
CA VAL B 351 6.33 -45.24 -23.47
C VAL B 351 5.36 -45.66 -22.35
N SER B 352 5.42 -44.97 -21.19
CA SER B 352 4.56 -45.22 -20.02
C SER B 352 3.08 -44.96 -20.36
N LEU B 353 2.79 -43.86 -21.09
CA LEU B 353 1.43 -43.44 -21.46
C LEU B 353 0.80 -44.37 -22.50
N LEU B 354 1.58 -44.82 -23.51
CA LEU B 354 1.10 -45.70 -24.58
C LEU B 354 0.87 -47.13 -24.07
N LEU B 355 1.58 -47.55 -23.00
CA LEU B 355 1.44 -48.88 -22.40
C LEU B 355 0.49 -48.85 -21.17
N LYS B 356 0.03 -47.65 -20.75
CA LYS B 356 -0.87 -47.48 -19.61
C LYS B 356 -2.26 -48.03 -19.93
N ASP B 357 -2.86 -47.55 -21.04
CA ASP B 357 -4.18 -47.98 -21.52
C ASP B 357 -4.15 -49.41 -22.06
N ASN B 358 -2.99 -49.85 -22.61
CA ASN B 358 -2.80 -51.20 -23.13
C ASN B 358 -2.72 -52.24 -22.00
N TYR B 359 -2.11 -51.86 -20.85
CA TYR B 359 -1.96 -52.71 -19.67
C TYR B 359 -2.57 -52.05 -18.44
N PHE B 364 2.08 -46.44 -12.11
CA PHE B 364 3.14 -46.37 -11.10
C PHE B 364 4.45 -45.84 -11.71
N VAL B 365 4.80 -46.29 -12.94
CA VAL B 365 6.00 -45.86 -13.67
C VAL B 365 5.78 -44.42 -14.17
N CYS B 366 4.53 -44.10 -14.58
CA CYS B 366 4.07 -42.80 -15.08
C CYS B 366 4.18 -41.72 -13.99
N ILE B 367 3.91 -42.08 -12.71
CA ILE B 367 4.00 -41.18 -11.55
C ILE B 367 5.47 -40.87 -11.27
N GLY B 368 6.32 -41.89 -11.37
CA GLY B 368 7.76 -41.80 -11.19
C GLY B 368 8.40 -40.87 -12.20
N ALA B 369 8.09 -41.07 -13.50
CA ALA B 369 8.58 -40.27 -14.63
C ALA B 369 8.24 -38.78 -14.46
N ILE B 370 7.03 -38.45 -13.94
CA ILE B 370 6.59 -37.08 -13.67
C ILE B 370 7.43 -36.50 -12.52
N LEU B 371 7.57 -37.26 -11.41
CA LEU B 371 8.32 -36.91 -10.21
C LEU B 371 9.80 -36.63 -10.50
N VAL B 372 10.44 -37.49 -11.31
CA VAL B 372 11.86 -37.34 -11.67
C VAL B 372 12.01 -36.17 -12.69
N PHE B 373 11.03 -35.94 -13.58
CA PHE B 373 11.05 -34.82 -14.55
C PHE B 373 11.06 -33.48 -13.81
N VAL B 374 10.20 -33.35 -12.78
CA VAL B 374 10.07 -32.16 -11.93
C VAL B 374 11.40 -31.96 -11.18
N ALA B 375 11.98 -33.06 -10.66
CA ALA B 375 13.27 -33.06 -9.96
C ALA B 375 14.38 -32.52 -10.87
N PHE B 376 14.42 -32.99 -12.14
CA PHE B 376 15.42 -32.56 -13.13
C PHE B 376 15.16 -31.12 -13.62
N PHE B 377 13.89 -30.72 -13.77
CA PHE B 377 13.52 -29.36 -14.18
C PHE B 377 14.05 -28.32 -13.19
N GLU B 378 13.88 -28.59 -11.89
CA GLU B 378 14.29 -27.69 -10.81
C GLU B 378 15.80 -27.69 -10.53
N ILE B 379 16.56 -28.63 -11.11
CA ILE B 379 18.02 -28.68 -10.93
C ILE B 379 18.68 -27.55 -11.76
N GLY B 380 18.17 -27.30 -12.97
CA GLY B 380 18.74 -26.29 -13.86
C GLY B 380 17.77 -25.38 -14.61
N PRO B 381 17.00 -25.92 -15.59
CA PRO B 381 16.11 -25.05 -16.41
C PRO B 381 15.02 -24.29 -15.63
N GLY B 382 14.78 -24.68 -14.38
CA GLY B 382 13.82 -24.01 -13.52
C GLY B 382 14.38 -22.71 -13.00
N PRO B 383 15.43 -22.75 -12.13
CA PRO B 383 15.94 -21.49 -11.54
C PRO B 383 16.93 -20.68 -12.38
N ILE B 384 17.84 -21.33 -13.12
CA ILE B 384 18.91 -20.65 -13.88
C ILE B 384 18.37 -19.55 -14.86
N PRO B 385 17.35 -19.77 -15.75
CA PRO B 385 16.96 -18.70 -16.70
C PRO B 385 16.56 -17.37 -16.05
N TRP B 386 16.08 -17.38 -14.81
CA TRP B 386 15.66 -16.18 -14.10
C TRP B 386 16.84 -15.31 -13.62
N PHE B 387 17.96 -15.91 -13.14
CA PHE B 387 19.09 -15.15 -12.61
C PHE B 387 20.29 -15.04 -13.57
N ILE B 388 20.32 -15.84 -14.65
CA ILE B 388 21.45 -15.84 -15.59
C ILE B 388 21.57 -14.53 -16.39
N VAL B 389 20.44 -13.90 -16.78
CA VAL B 389 20.42 -12.66 -17.59
C VAL B 389 21.13 -11.49 -16.86
N ALA B 390 21.00 -11.42 -15.53
CA ALA B 390 21.64 -10.40 -14.70
C ALA B 390 23.18 -10.59 -14.69
N GLU B 391 23.65 -11.86 -14.81
CA GLU B 391 25.07 -12.23 -14.82
C GLU B 391 25.75 -12.00 -16.17
N LEU B 392 24.99 -12.19 -17.28
CA LEU B 392 25.51 -12.06 -18.65
C LEU B 392 25.72 -10.60 -19.06
N PHE B 393 25.12 -9.65 -18.33
CA PHE B 393 25.25 -8.24 -18.67
C PHE B 393 25.78 -7.41 -17.50
N SER B 394 26.34 -6.21 -17.80
CA SER B 394 26.81 -5.23 -16.81
C SER B 394 25.65 -4.22 -16.56
N GLN B 395 25.88 -3.12 -15.80
CA GLN B 395 24.80 -2.17 -15.43
C GLN B 395 24.05 -1.54 -16.60
N GLY B 396 24.79 -1.01 -17.56
CA GLY B 396 24.26 -0.35 -18.75
C GLY B 396 23.22 -1.14 -19.50
N PRO B 397 23.53 -2.36 -19.99
CA PRO B 397 22.51 -3.11 -20.75
C PRO B 397 21.62 -4.05 -19.92
N ARG B 398 21.89 -4.29 -18.61
CA ARG B 398 21.10 -5.21 -17.77
C ARG B 398 19.58 -4.91 -17.79
N PRO B 399 19.07 -3.66 -17.54
CA PRO B 399 17.61 -3.44 -17.58
C PRO B 399 16.96 -3.77 -18.92
N ALA B 400 17.55 -3.34 -20.06
CA ALA B 400 17.05 -3.60 -21.41
C ALA B 400 17.04 -5.11 -21.70
N ALA B 401 18.14 -5.81 -21.35
CA ALA B 401 18.28 -7.24 -21.51
C ALA B 401 17.27 -8.03 -20.69
N MET B 402 16.97 -7.58 -19.46
CA MET B 402 16.01 -8.25 -18.57
C MET B 402 14.57 -7.97 -18.99
N ALA B 403 14.34 -6.83 -19.70
CA ALA B 403 13.05 -6.50 -20.31
C ALA B 403 12.76 -7.49 -21.48
N VAL B 404 13.77 -7.74 -22.36
CA VAL B 404 13.67 -8.64 -23.52
C VAL B 404 13.56 -10.11 -23.04
N ALA B 405 14.48 -10.55 -22.16
CA ALA B 405 14.48 -11.91 -21.61
C ALA B 405 13.18 -12.22 -20.84
N GLY B 406 12.75 -11.29 -19.97
CA GLY B 406 11.50 -11.43 -19.21
C GLY B 406 10.30 -11.55 -20.12
N CYS B 407 10.20 -10.65 -21.12
CA CYS B 407 9.11 -10.68 -22.08
C CYS B 407 9.10 -11.97 -22.89
N SER B 408 10.30 -12.52 -23.24
CA SER B 408 10.47 -13.79 -23.96
C SER B 408 9.89 -14.96 -23.17
N ASN B 409 10.09 -14.95 -21.84
CA ASN B 409 9.61 -15.95 -20.89
C ASN B 409 8.08 -15.98 -20.82
N TRP B 410 7.47 -14.79 -20.61
CA TRP B 410 6.03 -14.59 -20.55
C TRP B 410 5.33 -14.91 -21.87
N THR B 411 5.90 -14.43 -23.01
CA THR B 411 5.33 -14.65 -24.35
C THR B 411 5.39 -16.15 -24.72
N SER B 412 6.52 -16.83 -24.45
CA SER B 412 6.64 -18.25 -24.77
C SER B 412 5.71 -19.09 -23.88
N ASN B 413 5.52 -18.67 -22.61
CA ASN B 413 4.60 -19.32 -21.68
C ASN B 413 3.17 -19.23 -22.22
N PHE B 414 2.80 -18.02 -22.67
CA PHE B 414 1.50 -17.70 -23.22
C PHE B 414 1.21 -18.50 -24.49
N LEU B 415 2.17 -18.53 -25.43
CA LEU B 415 2.02 -19.22 -26.71
C LEU B 415 2.01 -20.74 -26.54
N VAL B 416 2.74 -21.29 -25.54
CA VAL B 416 2.73 -22.73 -25.25
C VAL B 416 1.35 -23.10 -24.66
N GLY B 417 0.82 -22.23 -23.80
CA GLY B 417 -0.49 -22.39 -23.17
C GLY B 417 -1.63 -22.43 -24.17
N LEU B 418 -1.54 -21.59 -25.23
CA LEU B 418 -2.57 -21.51 -26.26
C LEU B 418 -2.53 -22.71 -27.22
N LEU B 419 -1.33 -23.10 -27.67
CA LEU B 419 -1.12 -24.15 -28.66
C LEU B 419 -1.06 -25.58 -28.08
N PHE B 420 -0.74 -25.74 -26.78
CA PHE B 420 -0.61 -27.07 -26.19
C PHE B 420 -1.91 -27.93 -26.21
N PRO B 421 -3.13 -27.49 -25.76
CA PRO B 421 -4.29 -28.40 -25.80
C PRO B 421 -4.56 -28.96 -27.19
N SER B 422 -4.40 -28.11 -28.23
CA SER B 422 -4.54 -28.44 -29.64
C SER B 422 -3.49 -29.49 -30.04
N ALA B 423 -2.24 -29.36 -29.56
CA ALA B 423 -1.15 -30.31 -29.83
C ALA B 423 -1.39 -31.64 -29.12
N ALA B 424 -1.83 -31.60 -27.84
CA ALA B 424 -2.12 -32.77 -27.01
C ALA B 424 -3.32 -33.57 -27.53
N HIS B 425 -4.28 -32.90 -28.20
CA HIS B 425 -5.46 -33.59 -28.74
C HIS B 425 -5.15 -34.28 -30.07
N TYR B 426 -4.25 -33.70 -30.90
CA TYR B 426 -3.89 -34.29 -32.20
C TYR B 426 -2.71 -35.26 -32.12
N LEU B 427 -1.80 -35.12 -31.13
CA LEU B 427 -0.63 -36.00 -31.00
C LEU B 427 -0.76 -37.05 -29.89
N GLY B 428 -1.52 -36.73 -28.83
CA GLY B 428 -1.74 -37.61 -27.70
C GLY B 428 -0.51 -37.78 -26.82
N ALA B 429 -0.08 -39.05 -26.61
CA ALA B 429 1.11 -39.42 -25.83
C ALA B 429 2.40 -38.98 -26.53
N TYR B 430 2.35 -38.93 -27.88
CA TYR B 430 3.46 -38.54 -28.75
C TYR B 430 3.80 -37.04 -28.65
N VAL B 431 3.02 -36.24 -27.85
CA VAL B 431 3.26 -34.80 -27.64
C VAL B 431 4.57 -34.61 -26.84
N PHE B 432 4.99 -35.64 -26.07
CA PHE B 432 6.22 -35.57 -25.28
C PHE B 432 7.47 -35.72 -26.17
N ILE B 433 7.30 -36.26 -27.40
CA ILE B 433 8.40 -36.44 -28.36
C ILE B 433 8.86 -35.07 -28.90
N ILE B 434 7.89 -34.17 -29.24
CA ILE B 434 8.22 -32.83 -29.75
C ILE B 434 8.91 -31.99 -28.65
N PHE B 435 8.73 -32.36 -27.36
CA PHE B 435 9.43 -31.71 -26.26
C PHE B 435 10.85 -32.26 -26.15
N THR B 436 11.03 -33.58 -26.40
CA THR B 436 12.34 -34.27 -26.39
C THR B 436 13.24 -33.63 -27.47
N GLY B 437 12.63 -33.30 -28.61
CA GLY B 437 13.28 -32.58 -29.69
C GLY B 437 13.81 -31.24 -29.22
N PHE B 438 12.96 -30.46 -28.48
CA PHE B 438 13.35 -29.15 -27.93
C PHE B 438 14.44 -29.29 -26.87
N LEU B 439 14.26 -30.24 -25.91
CA LEU B 439 15.19 -30.49 -24.80
C LEU B 439 16.62 -30.76 -25.30
N ILE B 440 16.77 -31.64 -26.33
CA ILE B 440 18.05 -32.00 -26.94
C ILE B 440 18.64 -30.78 -27.67
N THR B 441 17.79 -29.96 -28.32
CA THR B 441 18.23 -28.75 -29.03
C THR B 441 18.81 -27.74 -28.04
N PHE B 442 18.14 -27.52 -26.88
CA PHE B 442 18.61 -26.60 -25.84
C PHE B 442 19.84 -27.18 -25.13
N LEU B 443 19.91 -28.52 -25.00
CA LEU B 443 21.04 -29.27 -24.42
C LEU B 443 22.29 -29.04 -25.27
N ALA B 444 22.11 -29.03 -26.62
CA ALA B 444 23.18 -28.77 -27.58
C ALA B 444 23.60 -27.29 -27.53
N PHE B 445 22.60 -26.37 -27.49
CA PHE B 445 22.81 -24.92 -27.45
C PHE B 445 23.62 -24.51 -26.21
N THR B 446 23.24 -25.03 -25.01
CA THR B 446 23.93 -24.77 -23.74
C THR B 446 25.40 -25.22 -23.85
N PHE B 447 25.63 -26.44 -24.39
CA PHE B 447 26.96 -27.00 -24.54
C PHE B 447 27.88 -26.12 -25.41
N PHE B 448 27.39 -25.60 -26.54
CA PHE B 448 28.24 -24.84 -27.46
C PHE B 448 28.21 -23.31 -27.30
N LYS B 449 27.10 -22.72 -26.83
CA LYS B 449 26.97 -21.26 -26.80
C LYS B 449 26.98 -20.61 -25.41
N VAL B 450 26.51 -21.31 -24.36
CA VAL B 450 26.39 -20.71 -23.01
C VAL B 450 27.73 -20.76 -22.23
N PRO B 451 28.32 -19.61 -21.88
CA PRO B 451 29.56 -19.65 -21.09
C PRO B 451 29.31 -19.78 -19.59
N GLU B 452 30.28 -20.34 -18.84
CA GLU B 452 30.15 -20.48 -17.39
C GLU B 452 30.39 -19.11 -16.76
N THR B 453 29.47 -18.70 -15.88
CA THR B 453 29.45 -17.39 -15.22
C THR B 453 29.67 -17.51 -13.70
N ARG B 454 29.70 -18.76 -13.16
CA ARG B 454 29.87 -19.09 -11.74
C ARG B 454 31.13 -18.44 -11.15
N GLY B 455 30.91 -17.66 -10.09
CA GLY B 455 31.96 -16.96 -9.35
C GLY B 455 32.68 -15.85 -10.09
N ARG B 456 32.26 -15.59 -11.34
CA ARG B 456 32.85 -14.56 -12.21
C ARG B 456 32.17 -13.21 -12.00
N THR B 457 32.91 -12.14 -12.29
CA THR B 457 32.52 -10.75 -12.21
C THR B 457 31.77 -10.35 -13.49
N PHE B 458 30.86 -9.36 -13.41
CA PHE B 458 30.11 -8.86 -14.56
C PHE B 458 31.09 -8.31 -15.63
N GLU B 459 32.09 -7.52 -15.19
CA GLU B 459 33.12 -6.94 -16.06
C GLU B 459 33.93 -8.05 -16.74
N ASP B 460 34.21 -9.15 -16.01
CA ASP B 460 34.92 -10.35 -16.46
C ASP B 460 34.09 -11.10 -17.53
N ILE B 461 32.77 -11.25 -17.30
CA ILE B 461 31.83 -11.91 -18.23
C ILE B 461 31.65 -11.02 -19.49
N THR B 462 31.63 -9.67 -19.32
CA THR B 462 31.49 -8.71 -20.42
C THR B 462 32.78 -8.67 -21.27
N ARG B 463 33.97 -8.61 -20.62
CA ARG B 463 35.27 -8.57 -21.30
C ARG B 463 35.43 -9.78 -22.24
N ALA B 464 34.91 -10.95 -21.83
CA ALA B 464 34.94 -12.19 -22.59
C ALA B 464 34.03 -12.12 -23.81
N PHE B 465 32.80 -11.56 -23.66
CA PHE B 465 31.86 -11.40 -24.78
C PHE B 465 32.39 -10.41 -25.82
N GLU B 466 33.00 -9.30 -25.33
CA GLU B 466 33.59 -8.24 -26.15
C GLU B 466 34.81 -8.75 -26.93
N GLY B 467 35.58 -9.65 -26.31
CA GLY B 467 36.76 -10.28 -26.90
C GLY B 467 36.38 -11.20 -28.03
N GLN B 468 35.30 -11.99 -27.83
CA GLN B 468 34.73 -12.92 -28.80
C GLN B 468 34.23 -12.18 -30.04
N ALA B 469 33.49 -11.07 -29.84
CA ALA B 469 32.94 -10.23 -30.91
C ALA B 469 34.02 -9.34 -31.51
#